data_7U0C
#
_entry.id   7U0C
#
_cell.length_a   263.790
_cell.length_b   263.790
_cell.length_c   207.089
_cell.angle_alpha   90.000
_cell.angle_beta   90.000
_cell.angle_gamma   120.000
#
_symmetry.space_group_name_H-M   'H 3 2'
#
loop_
_entity.id
_entity.type
_entity.pdbx_description
1 polymer 'HEPC3.4 Fab Heavy Chain'
2 polymer 'HEPC3.4 Fab Light Chain'
#
loop_
_entity_poly.entity_id
_entity_poly.type
_entity_poly.pdbx_seq_one_letter_code
_entity_poly.pdbx_strand_id
1 'polypeptide(L)'
;QVQLVQSGAEVKKPGSSVKVSCKASGGSFSSNAISWVRQAPGQGLEWMGGINPVLGIGNYAEKFQGRVTITADNPTSTSY
LELRSLRSEDTAVYYCATLHPRLCRGGTCWGWFDPWGQGTLVTVSSASTKGPSVFPLAPSSKSTSGGTAALGCLVKDYFP
EPVTVSWNSGALTSGVHTFPAVLQSSGLYSLSSVVTVPSSSLGTQTYICNVNHKPSNTKVDKRVEPKSCDKTHHHHHH
;
A,C,H
2 'polypeptide(L)'
;DIQMTQSPSSLSASVGDRVTITCRAGQNINNYLNWYQQKPGKAPKVLIYAASNLQSGVPSRFSGSGSGTDFTLTISSLQP
EDFATYYCQQSHSTVRTFGQGTKVEIKRTVAAPSVFIFPPSDEQLKSGTASVVCLLNNFYPREAKVQWKVDNALQSGNSQ
ESVTEQDSKDSTYSLSSTLTLSKADYEKHKVYACEVTHQGLSSPVTKSFNRGEC
;
B,D,L
#
# COMPACT_ATOMS: atom_id res chain seq x y z
N GLN A 1 -39.09 25.04 12.87
CA GLN A 1 -38.79 23.65 12.56
C GLN A 1 -37.81 23.50 11.40
N VAL A 2 -37.89 24.39 10.42
CA VAL A 2 -36.98 24.36 9.26
C VAL A 2 -35.92 25.46 9.38
N GLN A 3 -36.34 26.63 9.90
CA GLN A 3 -35.52 27.83 9.89
C GLN A 3 -35.67 28.59 11.21
N LEU A 4 -35.16 28.01 12.30
CA LEU A 4 -35.18 28.73 13.56
C LEU A 4 -34.29 29.98 13.42
N VAL A 5 -34.88 31.15 13.67
CA VAL A 5 -34.23 32.44 13.47
C VAL A 5 -34.38 33.27 14.73
N GLN A 6 -33.27 33.79 15.25
CA GLN A 6 -33.27 34.40 16.57
C GLN A 6 -33.11 35.91 16.47
N SER A 7 -33.37 36.57 17.60
CA SER A 7 -33.65 38.01 17.60
C SER A 7 -32.41 38.83 17.25
N GLY A 8 -31.36 38.70 18.02
CA GLY A 8 -30.17 39.51 17.82
C GLY A 8 -29.45 39.77 19.13
N ALA A 9 -28.24 40.32 19.00
CA ALA A 9 -27.37 40.55 20.15
C ALA A 9 -27.98 41.57 21.10
N GLU A 10 -27.88 41.28 22.40
CA GLU A 10 -28.37 42.19 23.43
C GLU A 10 -27.29 42.37 24.49
N VAL A 11 -26.88 43.62 24.69
CA VAL A 11 -26.05 43.99 25.83
C VAL A 11 -27.01 44.40 26.94
N LYS A 12 -26.79 43.89 28.16
CA LYS A 12 -27.69 44.18 29.27
C LYS A 12 -26.87 44.47 30.52
N LYS A 13 -27.56 44.88 31.59
CA LYS A 13 -26.88 45.26 32.83
C LYS A 13 -27.24 44.31 33.96
N PRO A 14 -26.37 44.08 34.92
CA PRO A 14 -26.69 43.15 36.02
C PRO A 14 -28.00 43.56 36.68
N GLY A 15 -28.75 42.56 37.14
CA GLY A 15 -30.03 42.83 37.75
C GLY A 15 -31.17 43.07 36.77
N SER A 16 -30.92 42.98 35.47
CA SER A 16 -31.86 43.37 34.44
C SER A 16 -32.56 42.16 33.84
N SER A 17 -33.23 42.38 32.71
CA SER A 17 -34.10 41.39 32.08
C SER A 17 -33.84 41.38 30.59
N VAL A 18 -33.63 40.20 30.02
CA VAL A 18 -33.57 40.06 28.58
C VAL A 18 -34.75 39.22 28.14
N LYS A 19 -35.23 39.49 26.93
CA LYS A 19 -36.24 38.66 26.30
C LYS A 19 -35.74 38.40 24.89
N VAL A 20 -35.50 37.15 24.57
CA VAL A 20 -34.99 36.73 23.27
C VAL A 20 -36.06 35.92 22.56
N SER A 21 -36.22 36.19 21.27
CA SER A 21 -37.20 35.49 20.45
C SER A 21 -36.50 34.43 19.60
N CYS A 22 -37.30 33.52 19.07
CA CYS A 22 -36.85 32.48 18.15
C CYS A 22 -38.00 32.31 17.16
N LYS A 23 -37.74 32.64 15.90
CA LYS A 23 -38.81 32.87 14.94
C LYS A 23 -39.46 31.60 14.44
N ALA A 24 -38.69 30.54 14.20
CA ALA A 24 -39.21 29.26 13.73
C ALA A 24 -40.07 29.44 12.49
N SER A 25 -39.46 29.99 11.44
CA SER A 25 -40.20 30.35 10.25
C SER A 25 -40.14 29.21 9.23
N GLY A 26 -40.75 29.43 8.07
CA GLY A 26 -40.83 28.41 7.04
C GLY A 26 -42.08 27.56 7.11
N GLY A 27 -41.93 26.25 6.83
CA GLY A 27 -43.06 25.35 6.77
C GLY A 27 -43.72 25.07 8.10
N SER A 28 -44.50 23.99 8.18
CA SER A 28 -45.25 23.66 9.39
C SER A 28 -44.33 23.62 10.60
N PHE A 29 -44.79 24.25 11.69
CA PHE A 29 -44.01 24.47 12.89
C PHE A 29 -44.88 24.28 14.13
N SER A 30 -44.25 24.01 15.27
CA SER A 30 -44.92 24.15 16.55
C SER A 30 -44.04 24.97 17.48
N SER A 31 -44.50 26.16 17.84
CA SER A 31 -43.69 26.99 18.71
C SER A 31 -43.61 26.41 20.12
N ASN A 32 -44.55 25.55 20.49
CA ASN A 32 -44.48 24.85 21.76
C ASN A 32 -43.46 23.73 21.76
N ALA A 33 -42.79 23.50 20.63
CA ALA A 33 -41.80 22.45 20.51
C ALA A 33 -40.37 22.98 20.61
N ILE A 34 -40.20 24.28 20.81
CA ILE A 34 -38.88 24.91 20.91
C ILE A 34 -38.37 24.78 22.33
N SER A 35 -37.09 24.45 22.47
CA SER A 35 -36.40 24.45 23.74
C SER A 35 -35.28 25.50 23.68
N TRP A 36 -34.52 25.63 24.76
CA TRP A 36 -33.52 26.70 24.87
C TRP A 36 -32.26 26.16 25.54
N VAL A 37 -31.20 26.01 24.77
CA VAL A 37 -29.92 25.60 25.31
C VAL A 37 -29.00 26.82 25.30
N ARG A 38 -28.15 26.89 26.31
CA ARG A 38 -27.29 28.03 26.54
C ARG A 38 -25.83 27.57 26.53
N GLN A 39 -24.96 28.40 25.98
CA GLN A 39 -23.54 28.06 25.88
C GLN A 39 -22.70 29.22 26.38
N ALA A 40 -21.89 28.96 27.37
CA ALA A 40 -21.10 30.01 27.98
C ALA A 40 -19.71 30.05 27.36
N PRO A 41 -19.20 31.25 27.06
CA PRO A 41 -18.08 31.36 26.12
C PRO A 41 -16.92 30.48 26.56
N GLY A 42 -16.34 29.78 25.58
CA GLY A 42 -15.17 28.96 25.82
C GLY A 42 -15.44 27.54 26.27
N GLN A 43 -16.70 27.17 26.51
CA GLN A 43 -16.96 25.86 27.11
C GLN A 43 -18.32 25.36 26.61
N GLY A 44 -18.88 24.39 27.33
CA GLY A 44 -19.93 23.54 26.80
C GLY A 44 -21.34 24.03 27.09
N LEU A 45 -22.28 23.11 26.85
CA LEU A 45 -23.69 23.43 26.73
C LEU A 45 -24.50 23.01 27.96
N GLU A 46 -25.59 23.75 28.22
CA GLU A 46 -26.53 23.37 29.26
C GLU A 46 -27.92 23.77 28.80
N TRP A 47 -28.83 22.80 28.79
CA TRP A 47 -30.21 23.05 28.42
C TRP A 47 -30.85 23.87 29.53
N MET A 48 -31.66 24.86 29.14
CA MET A 48 -32.37 25.73 30.08
C MET A 48 -33.84 25.36 30.24
N GLY A 49 -34.60 25.29 29.15
CA GLY A 49 -36.00 24.97 29.35
C GLY A 49 -36.70 24.56 28.08
N GLY A 50 -37.90 23.98 28.29
CA GLY A 50 -38.84 23.59 27.24
C GLY A 50 -40.28 23.86 27.66
N ILE A 51 -41.25 23.36 26.92
CA ILE A 51 -42.65 23.67 27.15
C ILE A 51 -43.42 22.37 27.36
N ASN A 52 -44.36 22.39 28.32
CA ASN A 52 -45.02 21.13 28.66
C ASN A 52 -46.07 20.82 27.60
N PRO A 53 -46.11 19.59 27.08
CA PRO A 53 -47.09 19.30 26.04
C PRO A 53 -48.49 19.27 26.60
N VAL A 54 -48.63 18.73 27.81
CA VAL A 54 -49.93 18.53 28.43
C VAL A 54 -50.46 19.81 29.07
N LEU A 55 -49.60 20.82 29.29
CA LEU A 55 -50.06 22.08 29.90
C LEU A 55 -49.90 23.29 28.99
N GLY A 56 -48.97 23.28 28.04
CA GLY A 56 -48.75 24.45 27.22
C GLY A 56 -47.93 25.56 27.86
N ILE A 57 -47.39 25.35 29.05
CA ILE A 57 -46.56 26.34 29.73
C ILE A 57 -45.17 25.73 29.94
N GLY A 58 -44.20 26.59 30.22
CA GLY A 58 -42.81 26.17 30.17
C GLY A 58 -42.41 25.18 31.26
N ASN A 59 -41.28 24.54 31.00
CA ASN A 59 -40.60 23.68 31.97
C ASN A 59 -39.10 23.92 31.88
N TYR A 60 -38.47 24.26 33.00
CA TYR A 60 -37.12 24.79 33.04
C TYR A 60 -36.21 23.92 33.91
N ALA A 61 -34.91 24.11 33.71
CA ALA A 61 -33.88 23.40 34.47
C ALA A 61 -33.89 23.82 35.94
N GLU A 62 -33.39 22.93 36.80
CA GLU A 62 -33.36 23.22 38.24
C GLU A 62 -32.52 24.45 38.55
N LYS A 63 -31.51 24.72 37.74
CA LYS A 63 -30.63 25.85 37.97
C LYS A 63 -31.28 27.17 37.58
N PHE A 64 -32.39 27.14 36.87
CA PHE A 64 -33.11 28.34 36.46
C PHE A 64 -34.53 28.39 37.00
N GLN A 65 -34.96 27.39 37.77
CA GLN A 65 -36.29 27.42 38.37
C GLN A 65 -36.34 28.59 39.33
N GLY A 66 -36.55 29.77 38.77
CA GLY A 66 -36.53 31.00 39.50
C GLY A 66 -37.07 32.04 38.56
N ARG A 67 -36.19 32.74 37.86
CA ARG A 67 -36.63 33.77 36.94
C ARG A 67 -36.21 33.41 35.52
N VAL A 68 -36.84 32.37 34.98
CA VAL A 68 -36.88 32.11 33.55
C VAL A 68 -38.34 31.90 33.18
N THR A 69 -38.67 32.30 31.96
CA THR A 69 -40.04 32.22 31.49
C THR A 69 -39.95 32.14 29.97
N ILE A 70 -40.12 30.96 29.43
CA ILE A 70 -40.22 30.80 27.99
C ILE A 70 -41.70 30.76 27.67
N THR A 71 -42.08 31.39 26.58
CA THR A 71 -43.46 31.45 26.19
C THR A 71 -43.54 31.13 24.72
N ALA A 72 -44.63 30.49 24.34
CA ALA A 72 -44.80 29.99 22.99
C ALA A 72 -46.02 30.66 22.42
N ASP A 73 -45.82 31.49 21.41
CA ASP A 73 -46.92 32.12 20.69
C ASP A 73 -47.28 31.21 19.52
N ASN A 74 -48.22 30.30 19.76
CA ASN A 74 -48.64 29.35 18.72
C ASN A 74 -49.00 30.03 17.41
N PRO A 75 -49.78 31.14 17.37
CA PRO A 75 -50.10 31.75 16.09
C PRO A 75 -48.87 32.26 15.34
N THR A 76 -48.14 33.22 15.91
CA THR A 76 -46.96 33.72 15.21
C THR A 76 -45.79 32.73 15.26
N SER A 77 -45.94 31.60 15.96
CA SER A 77 -45.00 30.48 15.93
C SER A 77 -43.62 30.86 16.43
N THR A 78 -43.54 31.74 17.42
CA THR A 78 -42.27 32.11 18.01
C THR A 78 -42.21 31.69 19.47
N SER A 79 -40.99 31.66 20.00
CA SER A 79 -40.72 31.26 21.36
C SER A 79 -39.92 32.38 22.00
N TYR A 80 -40.45 32.97 23.06
CA TYR A 80 -39.78 34.07 23.74
C TYR A 80 -39.13 33.53 24.99
N LEU A 81 -37.85 33.85 25.18
CA LEU A 81 -37.10 33.45 26.35
C LEU A 81 -36.75 34.67 27.17
N GLU A 82 -37.26 34.73 28.39
CA GLU A 82 -37.08 35.87 29.26
C GLU A 82 -36.28 35.41 30.47
N LEU A 83 -35.08 35.95 30.62
CA LEU A 83 -34.21 35.64 31.72
C LEU A 83 -33.99 36.92 32.50
N ARG A 84 -34.37 36.93 33.77
CA ARG A 84 -34.21 38.11 34.60
C ARG A 84 -33.28 37.78 35.77
N SER A 85 -33.06 38.81 36.61
CA SER A 85 -32.03 38.84 37.66
C SER A 85 -30.66 38.57 37.05
N LEU A 86 -30.46 39.12 35.84
CA LEU A 86 -29.25 38.86 35.06
C LEU A 86 -27.99 39.03 35.90
N ARG A 87 -27.11 38.05 35.85
CA ARG A 87 -25.82 38.21 36.48
C ARG A 87 -24.73 38.23 35.43
N SER A 88 -23.48 38.27 35.89
CA SER A 88 -22.35 38.22 34.97
C SER A 88 -22.12 36.79 34.51
N GLU A 89 -22.40 35.82 35.38
CA GLU A 89 -22.26 34.43 34.94
C GLU A 89 -23.27 34.07 33.86
N ASP A 90 -24.35 34.83 33.72
CA ASP A 90 -25.35 34.59 32.69
C ASP A 90 -24.92 35.11 31.31
N THR A 91 -23.70 35.59 31.14
CA THR A 91 -23.23 36.04 29.83
C THR A 91 -22.87 34.84 28.98
N ALA A 92 -23.63 34.59 27.91
CA ALA A 92 -23.43 33.42 27.09
C ALA A 92 -24.15 33.60 25.75
N VAL A 93 -24.00 32.62 24.85
CA VAL A 93 -24.83 32.52 23.65
C VAL A 93 -26.02 31.62 23.93
N TYR A 94 -27.21 32.11 23.58
CA TYR A 94 -28.47 31.44 23.90
C TYR A 94 -29.06 30.89 22.61
N TYR A 95 -29.13 29.56 22.50
CA TYR A 95 -29.70 28.92 21.33
C TYR A 95 -31.13 28.47 21.62
N CYS A 96 -31.95 28.45 20.57
CA CYS A 96 -33.22 27.74 20.54
C CYS A 96 -33.09 26.57 19.57
N ALA A 97 -33.82 25.49 19.85
CA ALA A 97 -33.79 24.32 18.99
C ALA A 97 -35.11 23.58 19.11
N THR A 98 -35.50 22.88 18.04
CA THR A 98 -36.77 22.16 18.03
C THR A 98 -36.56 20.80 18.68
N LEU A 99 -37.33 20.52 19.72
CA LEU A 99 -37.20 19.26 20.43
C LEU A 99 -37.95 18.18 19.68
N HIS A 100 -37.26 17.08 19.41
CA HIS A 100 -37.93 15.89 18.93
C HIS A 100 -38.10 14.95 20.12
N PRO A 101 -39.32 14.81 20.64
CA PRO A 101 -39.52 14.07 21.89
C PRO A 101 -39.31 12.59 21.67
N ARG A 102 -38.62 11.96 22.61
CA ARG A 102 -38.56 10.51 22.51
C ARG A 102 -39.11 9.82 23.72
N LEU A 103 -38.89 10.36 24.91
CA LEU A 103 -39.44 9.77 26.10
C LEU A 103 -39.87 10.91 26.99
N CYS A 104 -41.12 10.85 27.46
CA CYS A 104 -41.65 11.84 28.39
C CYS A 104 -42.19 10.99 29.50
N ARG A 105 -41.54 11.02 30.65
CA ARG A 105 -42.05 10.23 31.76
C ARG A 105 -42.05 11.09 32.99
N GLY A 106 -42.56 12.30 32.79
CA GLY A 106 -42.90 13.24 33.84
C GLY A 106 -44.11 14.04 33.37
N GLY A 107 -43.88 15.31 33.07
CA GLY A 107 -44.86 16.22 32.54
C GLY A 107 -44.12 16.98 31.47
N THR A 108 -42.84 16.62 31.37
CA THR A 108 -41.84 17.22 30.49
C THR A 108 -41.38 16.18 29.47
N CYS A 109 -41.10 16.63 28.25
CA CYS A 109 -40.61 15.76 27.18
C CYS A 109 -39.17 16.14 26.83
N TRP A 110 -38.31 15.13 26.63
CA TRP A 110 -36.95 15.41 26.19
C TRP A 110 -36.40 14.22 25.39
N GLY A 111 -35.57 14.51 24.38
CA GLY A 111 -35.06 13.50 23.48
C GLY A 111 -33.87 13.93 22.63
N TRP A 112 -34.05 14.76 21.60
CA TRP A 112 -32.94 15.33 20.82
C TRP A 112 -33.41 16.58 20.06
N PHE A 113 -32.46 17.41 19.63
CA PHE A 113 -32.75 18.71 19.00
C PHE A 113 -32.32 18.69 17.55
N ASP A 114 -33.22 19.07 16.63
CA ASP A 114 -32.74 19.02 15.26
C ASP A 114 -32.31 20.36 14.67
N PRO A 115 -33.20 21.29 14.32
CA PRO A 115 -32.71 22.59 13.87
C PRO A 115 -32.32 23.45 15.07
N TRP A 116 -31.22 24.16 14.92
CA TRP A 116 -30.74 25.02 15.98
C TRP A 116 -30.80 26.45 15.45
N GLY A 117 -31.23 27.37 16.30
CA GLY A 117 -31.23 28.75 15.89
C GLY A 117 -29.82 29.26 15.70
N GLN A 118 -29.70 30.40 15.03
CA GLN A 118 -28.37 30.94 14.76
C GLN A 118 -27.71 31.44 16.04
N GLY A 119 -28.49 31.68 17.09
CA GLY A 119 -27.94 32.10 18.37
C GLY A 119 -27.83 33.59 18.57
N THR A 120 -28.25 34.06 19.73
CA THR A 120 -28.07 35.47 20.08
C THR A 120 -27.15 35.57 21.28
N LEU A 121 -26.31 36.60 21.27
CA LEU A 121 -25.31 36.80 22.30
C LEU A 121 -25.85 37.80 23.31
N VAL A 122 -25.85 37.41 24.58
CA VAL A 122 -26.27 38.27 25.67
C VAL A 122 -25.02 38.57 26.48
N THR A 123 -24.42 39.74 26.23
CA THR A 123 -23.30 40.22 27.04
C THR A 123 -23.86 41.10 28.14
N VAL A 124 -23.64 40.73 29.39
CA VAL A 124 -24.10 41.52 30.52
C VAL A 124 -22.92 41.82 31.42
N SER A 125 -22.56 43.11 31.49
CA SER A 125 -21.53 43.62 32.38
C SER A 125 -22.07 44.90 32.97
N SER A 126 -21.46 45.28 34.09
CA SER A 126 -21.80 46.55 34.69
C SER A 126 -21.22 47.74 33.95
N ALA A 127 -20.52 47.52 32.85
CA ALA A 127 -19.81 48.58 32.16
C ALA A 127 -20.70 49.26 31.13
N SER A 128 -20.18 50.34 30.55
CA SER A 128 -20.91 51.11 29.55
C SER A 128 -20.02 51.38 28.34
N THR A 129 -20.68 51.72 27.22
CA THR A 129 -20.03 51.84 25.92
C THR A 129 -18.83 52.78 25.95
N LYS A 130 -17.74 52.36 25.30
CA LYS A 130 -16.53 53.17 25.19
C LYS A 130 -15.80 52.80 23.91
N GLY A 131 -15.19 53.80 23.27
CA GLY A 131 -14.45 53.59 22.05
C GLY A 131 -13.04 53.11 22.32
N PRO A 132 -12.42 52.47 21.34
CA PRO A 132 -11.13 51.82 21.56
C PRO A 132 -9.97 52.79 21.54
N SER A 133 -8.85 52.33 22.08
CA SER A 133 -7.59 53.07 22.03
C SER A 133 -6.58 52.28 21.21
N VAL A 134 -5.95 52.96 20.23
CA VAL A 134 -5.04 52.33 19.29
C VAL A 134 -3.61 52.75 19.63
N PHE A 135 -2.73 51.77 19.81
CA PHE A 135 -1.34 52.01 20.19
C PHE A 135 -0.45 51.24 19.24
N PRO A 136 0.40 51.90 18.46
CA PRO A 136 1.22 51.18 17.47
C PRO A 136 2.27 50.32 18.14
N LEU A 137 2.69 49.27 17.41
CA LEU A 137 3.71 48.34 17.87
C LEU A 137 4.78 48.26 16.80
N ALA A 138 5.96 48.79 17.09
CA ALA A 138 6.95 49.05 16.05
C ALA A 138 7.86 47.85 15.83
N PRO A 139 8.47 47.78 14.65
CA PRO A 139 9.42 46.69 14.35
C PRO A 139 10.85 47.00 14.78
N SER A 140 11.69 45.97 14.73
CA SER A 140 13.12 46.10 15.03
C SER A 140 13.90 46.61 13.81
N THR A 148 11.58 39.08 7.78
CA THR A 148 10.81 38.41 8.83
C THR A 148 10.74 39.28 10.09
N ALA A 149 10.04 40.41 9.99
CA ALA A 149 9.93 41.37 11.08
C ALA A 149 8.46 41.68 11.33
N ALA A 150 8.06 41.69 12.61
CA ALA A 150 6.66 41.82 13.00
C ALA A 150 6.35 43.23 13.46
N LEU A 151 5.10 43.64 13.26
CA LEU A 151 4.59 44.92 13.71
C LEU A 151 3.11 44.75 13.98
N GLY A 152 2.54 45.67 14.76
CA GLY A 152 1.14 45.49 15.08
C GLY A 152 0.51 46.72 15.69
N CYS A 153 -0.76 46.55 16.09
CA CYS A 153 -1.56 47.58 16.74
C CYS A 153 -2.16 47.00 18.01
N LEU A 154 -2.27 47.83 19.04
CA LEU A 154 -2.90 47.42 20.29
C LEU A 154 -4.18 48.21 20.48
N VAL A 155 -5.29 47.50 20.49
CA VAL A 155 -6.61 48.04 20.78
C VAL A 155 -6.90 47.70 22.23
N LYS A 156 -6.87 48.69 23.11
CA LYS A 156 -6.66 48.40 24.53
C LYS A 156 -7.84 48.68 25.44
N ASP A 157 -8.73 49.60 25.11
CA ASP A 157 -9.85 49.79 26.05
C ASP A 157 -11.11 50.20 25.28
N TYR A 158 -11.99 49.24 25.05
CA TYR A 158 -13.27 49.48 24.41
C TYR A 158 -14.31 48.57 25.04
N PHE A 159 -15.58 48.84 24.70
CA PHE A 159 -16.73 48.05 25.08
C PHE A 159 -17.88 48.38 24.14
N PRO A 160 -18.73 47.42 23.75
CA PRO A 160 -18.65 45.99 23.99
C PRO A 160 -17.90 45.24 22.88
N GLU A 161 -18.11 43.92 22.78
CA GLU A 161 -17.19 43.04 22.05
C GLU A 161 -16.88 43.42 20.60
N PRO A 162 -17.84 43.71 19.72
CA PRO A 162 -17.55 43.74 18.26
C PRO A 162 -16.55 44.83 17.87
N VAL A 163 -15.40 44.42 17.30
CA VAL A 163 -14.46 45.38 16.72
C VAL A 163 -13.70 44.78 15.53
N THR A 164 -13.54 45.57 14.46
CA THR A 164 -12.87 45.16 13.24
C THR A 164 -11.47 45.76 13.14
N VAL A 165 -10.51 44.99 12.59
CA VAL A 165 -9.14 45.44 12.35
C VAL A 165 -8.77 45.13 10.91
N SER A 166 -8.33 46.15 10.17
CA SER A 166 -7.81 46.02 8.81
C SER A 166 -6.38 46.57 8.75
N TRP A 167 -5.66 46.19 7.71
CA TRP A 167 -4.29 46.66 7.47
C TRP A 167 -4.16 47.27 6.07
N ASN A 168 -3.64 48.50 6.00
CA ASN A 168 -3.47 49.22 4.74
C ASN A 168 -4.81 49.38 4.03
N SER A 169 -5.86 49.62 4.82
CA SER A 169 -7.21 49.82 4.33
C SER A 169 -7.71 48.61 3.52
N GLY A 170 -7.19 47.42 3.83
CA GLY A 170 -7.67 46.19 3.22
C GLY A 170 -6.65 45.43 2.40
N ALA A 171 -5.52 46.04 2.03
CA ALA A 171 -4.58 45.37 1.15
C ALA A 171 -3.90 44.20 1.86
N LEU A 172 -3.37 44.43 3.05
CA LEU A 172 -2.52 43.46 3.73
C LEU A 172 -3.37 42.35 4.32
N THR A 173 -3.23 41.12 3.79
CA THR A 173 -3.98 39.98 4.31
C THR A 173 -3.08 38.75 4.44
N SER A 174 -1.78 38.95 4.63
CA SER A 174 -0.84 37.83 4.61
C SER A 174 0.08 37.91 5.81
N GLY A 175 -0.11 37.00 6.76
CA GLY A 175 0.59 37.06 8.02
C GLY A 175 -0.11 37.90 9.05
N VAL A 176 -1.23 38.51 8.68
CA VAL A 176 -2.09 39.24 9.60
C VAL A 176 -2.69 38.24 10.58
N HIS A 177 -2.95 38.69 11.81
CA HIS A 177 -3.49 37.73 12.76
C HIS A 177 -4.72 38.16 13.56
N THR A 178 -4.65 39.31 14.24
CA THR A 178 -5.68 39.76 15.17
C THR A 178 -6.25 38.63 16.03
N PHE A 179 -5.90 38.67 17.30
CA PHE A 179 -6.11 37.67 18.33
C PHE A 179 -7.51 37.79 18.90
N PRO A 180 -7.97 36.79 19.63
CA PRO A 180 -9.26 36.95 20.32
C PRO A 180 -9.07 37.89 21.48
N ALA A 181 -10.06 38.76 21.68
CA ALA A 181 -9.96 39.78 22.71
C ALA A 181 -9.95 39.13 24.10
N VAL A 182 -9.39 39.86 25.05
CA VAL A 182 -9.43 39.47 26.46
C VAL A 182 -10.18 40.53 27.23
N LEU A 183 -10.89 40.10 28.26
CA LEU A 183 -11.61 41.01 29.11
C LEU A 183 -10.84 41.15 30.42
N GLN A 184 -10.14 42.28 30.59
CA GLN A 184 -9.77 43.00 31.82
C GLN A 184 -10.72 43.07 33.01
N SER A 185 -10.07 42.95 34.18
CA SER A 185 -10.70 43.09 35.47
C SER A 185 -11.40 44.43 35.57
N SER A 186 -10.99 45.39 34.73
CA SER A 186 -11.65 46.68 34.70
C SER A 186 -13.02 46.54 34.04
N GLY A 187 -13.07 45.81 32.93
CA GLY A 187 -14.33 45.53 32.31
C GLY A 187 -14.33 45.77 30.83
N LEU A 188 -13.24 46.33 30.30
CA LEU A 188 -13.17 46.66 28.89
C LEU A 188 -12.36 45.61 28.15
N TYR A 189 -12.47 45.63 26.83
CA TYR A 189 -11.87 44.60 26.03
C TYR A 189 -10.61 45.12 25.36
N SER A 190 -9.65 44.23 25.19
CA SER A 190 -8.40 44.57 24.55
C SER A 190 -7.92 43.40 23.72
N LEU A 191 -7.62 43.67 22.47
CA LEU A 191 -6.99 42.70 21.59
C LEU A 191 -5.85 43.38 20.88
N SER A 192 -4.98 42.57 20.32
CA SER A 192 -3.81 43.03 19.60
C SER A 192 -3.74 42.28 18.28
N SER A 193 -3.37 42.99 17.22
CA SER A 193 -3.26 42.43 15.89
C SER A 193 -1.85 42.69 15.38
N VAL A 194 -1.21 41.66 14.84
CA VAL A 194 0.18 41.76 14.41
C VAL A 194 0.25 41.28 12.97
N VAL A 195 1.35 41.61 12.31
CA VAL A 195 1.64 41.08 10.99
C VAL A 195 3.14 40.95 10.85
N THR A 196 3.57 39.90 10.15
CA THR A 196 4.97 39.67 9.89
C THR A 196 5.23 40.13 8.47
N VAL A 197 6.27 40.94 8.29
CA VAL A 197 6.62 41.57 7.02
C VAL A 197 8.12 41.51 6.85
N PRO A 198 8.65 41.72 5.66
CA PRO A 198 10.09 41.57 5.48
C PRO A 198 10.84 42.78 6.05
N SER A 199 12.09 42.54 6.39
CA SER A 199 12.89 43.57 7.04
C SER A 199 13.46 44.57 6.03
N SER A 200 13.22 44.37 4.74
CA SER A 200 13.61 45.36 3.75
C SER A 200 12.52 46.40 3.49
N SER A 201 11.25 46.04 3.69
CA SER A 201 10.14 46.97 3.51
C SER A 201 9.90 47.82 4.75
N LEU A 202 10.92 48.01 5.57
CA LEU A 202 10.82 48.86 6.75
C LEU A 202 11.24 50.27 6.36
N GLY A 203 10.27 51.16 6.26
CA GLY A 203 10.52 52.48 5.72
C GLY A 203 10.17 52.56 4.24
N THR A 204 10.54 51.52 3.49
CA THR A 204 10.22 51.47 2.07
C THR A 204 8.73 51.26 1.84
N GLN A 205 8.03 50.63 2.79
CA GLN A 205 6.59 50.48 2.75
C GLN A 205 6.02 50.86 4.10
N THR A 206 5.01 51.73 4.09
CA THR A 206 4.37 52.18 5.32
C THR A 206 3.19 51.29 5.67
N TYR A 207 3.09 50.92 6.94
CA TYR A 207 2.06 50.00 7.41
C TYR A 207 1.08 50.76 8.30
N ILE A 208 -0.20 50.67 7.96
CA ILE A 208 -1.27 51.38 8.65
C ILE A 208 -2.38 50.38 8.97
N CYS A 209 -2.88 50.41 10.20
CA CYS A 209 -3.98 49.54 10.59
C CYS A 209 -5.24 50.37 10.80
N ASN A 210 -6.38 49.77 10.49
CA ASN A 210 -7.67 50.42 10.55
C ASN A 210 -8.55 49.68 11.53
N VAL A 211 -9.11 50.41 12.50
CA VAL A 211 -9.88 49.82 13.57
C VAL A 211 -11.24 50.52 13.57
N ASN A 212 -12.31 49.73 13.52
CA ASN A 212 -13.66 50.28 13.47
C ASN A 212 -14.47 49.65 14.58
N HIS A 213 -14.95 50.49 15.49
CA HIS A 213 -15.82 50.05 16.57
C HIS A 213 -17.18 50.72 16.38
N LYS A 214 -18.07 50.04 15.65
CA LYS A 214 -19.38 50.62 15.37
C LYS A 214 -20.20 50.92 16.63
N PRO A 215 -20.17 50.08 17.71
CA PRO A 215 -21.00 50.39 18.90
C PRO A 215 -20.83 51.81 19.41
N SER A 216 -19.71 52.44 19.04
CA SER A 216 -19.43 53.82 19.39
C SER A 216 -19.22 54.70 18.17
N ASN A 217 -19.37 54.15 16.96
CA ASN A 217 -19.13 54.90 15.72
C ASN A 217 -17.72 55.47 15.70
N THR A 218 -16.76 54.65 16.14
CA THR A 218 -15.37 55.02 16.27
C THR A 218 -14.59 54.32 15.18
N LYS A 219 -13.98 55.09 14.28
CA LYS A 219 -13.20 54.54 13.17
C LYS A 219 -11.86 55.25 13.21
N VAL A 220 -10.86 54.61 13.80
CA VAL A 220 -9.54 55.19 14.02
C VAL A 220 -8.52 54.42 13.21
N ASP A 221 -7.53 55.13 12.67
CA ASP A 221 -6.41 54.52 11.96
C ASP A 221 -5.11 55.05 12.56
N LYS A 222 -4.17 54.15 12.82
CA LYS A 222 -2.89 54.56 13.38
C LYS A 222 -1.82 53.79 12.65
N ARG A 223 -0.84 54.52 12.11
CA ARG A 223 0.21 53.88 11.32
C ARG A 223 1.40 53.56 12.23
N VAL A 224 2.22 52.63 11.77
CA VAL A 224 3.34 52.11 12.53
C VAL A 224 4.62 52.37 11.75
N GLU A 225 5.60 52.98 12.42
CA GLU A 225 6.93 53.24 11.92
C GLU A 225 7.92 52.66 12.92
N PRO A 226 9.12 52.27 12.47
CA PRO A 226 10.12 51.70 13.40
C PRO A 226 10.50 52.66 14.52
N SER B 9 -11.09 16.32 26.35
CA SER B 9 -11.67 17.45 25.62
C SER B 9 -10.86 17.78 24.37
N SER B 10 -9.74 17.10 24.17
CA SER B 10 -8.90 17.46 23.02
C SER B 10 -8.15 16.25 22.54
N LEU B 11 -8.20 16.04 21.22
CA LEU B 11 -7.62 14.91 20.51
C LEU B 11 -7.01 15.42 19.22
N SER B 12 -5.75 15.10 18.99
CA SER B 12 -5.04 15.58 17.80
C SER B 12 -4.87 14.45 16.80
N ALA B 13 -5.38 14.65 15.60
CA ALA B 13 -5.34 13.62 14.59
C ALA B 13 -5.26 14.26 13.21
N SER B 14 -4.85 13.46 12.23
CA SER B 14 -4.69 13.91 10.86
C SER B 14 -5.65 13.14 9.92
N VAL B 15 -5.83 13.68 8.72
CA VAL B 15 -6.75 13.11 7.75
C VAL B 15 -6.41 11.66 7.46
N GLY B 16 -7.40 10.78 7.63
CA GLY B 16 -7.27 9.37 7.34
C GLY B 16 -7.11 8.51 8.57
N ASP B 17 -6.92 9.11 9.74
CA ASP B 17 -6.97 8.35 10.96
C ASP B 17 -8.43 8.06 11.33
N ARG B 18 -8.63 6.97 12.06
CA ARG B 18 -9.94 6.64 12.60
C ARG B 18 -9.96 6.97 14.08
N VAL B 19 -10.93 7.78 14.50
CA VAL B 19 -11.08 8.19 15.89
C VAL B 19 -12.46 7.72 16.38
N THR B 20 -12.49 7.24 17.62
CA THR B 20 -13.73 6.83 18.25
C THR B 20 -13.78 7.41 19.66
N ILE B 21 -14.89 8.07 19.98
CA ILE B 21 -15.04 8.89 21.17
C ILE B 21 -16.00 8.19 22.11
N THR B 22 -15.53 7.79 23.27
CA THR B 22 -16.41 7.10 24.19
C THR B 22 -17.03 8.11 25.13
N CYS B 23 -18.27 7.83 25.56
CA CYS B 23 -19.07 8.77 26.35
C CYS B 23 -19.85 7.95 27.37
N ARG B 24 -19.24 7.67 28.51
CA ARG B 24 -19.91 6.79 29.47
C ARG B 24 -20.96 7.54 30.26
N ALA B 25 -21.84 6.78 30.90
CA ALA B 25 -22.89 7.35 31.71
C ALA B 25 -22.94 6.65 33.05
N GLY B 26 -23.65 7.29 33.99
CA GLY B 26 -23.70 6.86 35.37
C GLY B 26 -24.75 5.79 35.61
N GLN B 27 -25.94 6.04 35.09
CA GLN B 27 -27.02 5.07 35.21
C GLN B 27 -27.16 4.29 33.92
N ASN B 28 -28.39 3.96 33.56
CA ASN B 28 -28.71 3.18 32.38
C ASN B 28 -29.63 4.08 31.58
N ILE B 29 -29.11 4.70 30.54
CA ILE B 29 -29.90 5.61 29.74
C ILE B 29 -30.39 4.94 28.46
N ASN B 30 -30.29 3.61 28.41
CA ASN B 30 -30.66 2.79 27.27
C ASN B 30 -30.17 3.33 25.92
N ASN B 31 -31.05 4.01 25.21
CA ASN B 31 -30.72 4.42 23.85
C ASN B 31 -30.94 5.90 23.65
N TYR B 32 -30.64 6.73 24.65
CA TYR B 32 -31.08 8.11 24.58
C TYR B 32 -29.93 9.11 24.60
N LEU B 33 -28.82 8.75 23.98
CA LEU B 33 -27.67 9.61 23.87
C LEU B 33 -27.55 10.07 22.44
N ASN B 34 -27.29 11.34 22.25
CA ASN B 34 -27.24 11.90 20.91
C ASN B 34 -25.85 12.46 20.72
N TRP B 35 -25.47 12.70 19.47
CA TRP B 35 -24.18 13.31 19.18
C TRP B 35 -24.41 14.55 18.34
N TYR B 36 -23.72 15.64 18.70
CA TYR B 36 -23.82 16.89 17.97
C TYR B 36 -22.42 17.30 17.55
N GLN B 37 -22.33 18.09 16.48
CA GLN B 37 -21.06 18.61 16.00
C GLN B 37 -21.11 20.11 15.97
N GLN B 38 -20.07 20.75 16.47
CA GLN B 38 -20.04 22.20 16.48
C GLN B 38 -18.68 22.65 15.99
N LYS B 39 -18.69 23.44 15.09
CA LYS B 39 -17.67 24.18 14.42
C LYS B 39 -17.60 25.57 15.02
N PRO B 40 -16.41 26.18 15.07
CA PRO B 40 -16.29 27.48 15.74
C PRO B 40 -17.12 28.55 15.05
N GLY B 41 -17.99 29.20 15.82
CA GLY B 41 -18.79 30.30 15.34
C GLY B 41 -20.20 29.95 14.90
N LYS B 42 -20.62 28.70 15.05
CA LYS B 42 -21.92 28.29 14.56
C LYS B 42 -22.62 27.44 15.61
N ALA B 43 -23.94 27.29 15.44
CA ALA B 43 -24.74 26.52 16.36
C ALA B 43 -24.51 25.05 16.15
N PRO B 44 -24.86 24.21 17.12
CA PRO B 44 -24.67 22.76 16.93
C PRO B 44 -25.64 22.20 15.89
N LYS B 45 -25.21 21.07 15.31
CA LYS B 45 -26.03 20.28 14.39
C LYS B 45 -25.95 18.86 14.89
N VAL B 46 -27.06 18.15 14.82
CA VAL B 46 -27.07 16.76 15.25
C VAL B 46 -26.50 15.85 14.16
N LEU B 47 -25.70 14.87 14.57
CA LEU B 47 -25.17 13.82 13.71
C LEU B 47 -25.88 12.50 13.91
N ILE B 48 -25.90 12.04 15.15
CA ILE B 48 -26.55 10.79 15.51
C ILE B 48 -27.52 11.04 16.64
N TYR B 49 -28.68 10.39 16.55
CA TYR B 49 -29.67 10.35 17.61
C TYR B 49 -30.02 8.91 17.88
N ALA B 50 -30.68 8.71 19.01
CA ALA B 50 -31.07 7.38 19.42
C ALA B 50 -29.88 6.45 19.53
N ALA B 51 -28.74 7.01 19.94
CA ALA B 51 -27.48 6.29 20.12
C ALA B 51 -26.81 5.96 18.79
N SER B 52 -27.58 5.54 17.78
CA SER B 52 -27.01 4.99 16.57
C SER B 52 -27.58 5.52 15.25
N ASN B 53 -28.58 6.37 15.27
CA ASN B 53 -29.33 6.74 14.08
C ASN B 53 -28.69 7.96 13.40
N LEU B 54 -27.93 7.73 12.34
CA LEU B 54 -27.41 8.85 11.55
C LEU B 54 -28.53 9.72 11.02
N GLN B 55 -28.38 11.03 11.19
CA GLN B 55 -29.37 11.97 10.69
C GLN B 55 -29.17 12.19 9.19
N SER B 56 -30.27 12.43 8.48
CA SER B 56 -30.20 12.47 7.03
C SER B 56 -29.28 13.59 6.58
N GLY B 57 -28.32 13.24 5.73
CA GLY B 57 -27.36 14.17 5.19
C GLY B 57 -25.96 14.03 5.75
N VAL B 58 -25.78 13.31 6.86
CA VAL B 58 -24.46 13.24 7.46
C VAL B 58 -23.74 12.06 6.83
N PRO B 59 -22.46 12.21 6.49
CA PRO B 59 -21.77 11.16 5.76
C PRO B 59 -21.68 9.86 6.54
N SER B 60 -21.35 8.80 5.80
CA SER B 60 -21.34 7.44 6.30
C SER B 60 -20.12 7.08 7.12
N ARG B 61 -19.09 7.95 7.19
CA ARG B 61 -18.02 7.67 8.13
C ARG B 61 -18.53 7.64 9.55
N PHE B 62 -19.60 8.38 9.83
CA PHE B 62 -20.04 8.53 11.20
C PHE B 62 -20.83 7.31 11.62
N SER B 63 -20.53 6.83 12.81
CA SER B 63 -21.02 5.53 13.26
C SER B 63 -21.18 5.55 14.77
N GLY B 64 -22.43 5.55 15.22
CA GLY B 64 -22.73 5.55 16.64
C GLY B 64 -23.14 4.15 17.07
N SER B 65 -22.73 3.77 18.27
CA SER B 65 -22.99 2.44 18.80
C SER B 65 -23.39 2.56 20.26
N GLY B 66 -23.13 1.48 21.00
CA GLY B 66 -23.36 1.39 22.43
C GLY B 66 -24.80 1.38 22.94
N SER B 67 -25.00 0.76 24.09
CA SER B 67 -26.28 0.79 24.78
C SER B 67 -26.04 0.50 26.24
N GLY B 68 -26.88 1.11 27.08
CA GLY B 68 -26.85 0.97 28.53
C GLY B 68 -26.05 2.06 29.19
N THR B 69 -24.72 1.93 29.19
CA THR B 69 -23.88 2.88 29.92
C THR B 69 -22.78 3.45 29.04
N ASP B 70 -22.04 2.59 28.32
CA ASP B 70 -20.94 3.02 27.45
C ASP B 70 -21.44 3.28 26.04
N PHE B 71 -21.16 4.45 25.49
CA PHE B 71 -21.62 4.86 24.17
C PHE B 71 -20.44 5.37 23.37
N THR B 72 -20.36 4.99 22.10
CA THR B 72 -19.27 5.43 21.25
C THR B 72 -19.78 6.18 20.02
N LEU B 73 -18.86 6.92 19.40
CA LEU B 73 -19.08 7.59 18.13
C LEU B 73 -17.77 7.55 17.38
N THR B 74 -17.77 6.95 16.21
CA THR B 74 -16.54 6.70 15.47
C THR B 74 -16.56 7.46 14.16
N ILE B 75 -15.39 7.89 13.70
CA ILE B 75 -15.23 8.34 12.33
C ILE B 75 -14.19 7.43 11.70
N SER B 76 -14.58 6.70 10.65
CA SER B 76 -13.70 5.67 10.13
C SER B 76 -12.45 6.26 9.48
N SER B 77 -12.60 7.37 8.76
CA SER B 77 -11.45 8.04 8.17
C SER B 77 -11.74 9.52 8.17
N LEU B 78 -10.88 10.31 8.82
CA LEU B 78 -11.14 11.72 8.98
C LEU B 78 -10.93 12.44 7.66
N GLN B 79 -11.77 13.42 7.40
CA GLN B 79 -11.68 14.26 6.22
C GLN B 79 -11.45 15.70 6.67
N PRO B 80 -11.10 16.63 5.78
CA PRO B 80 -10.86 18.00 6.22
C PRO B 80 -12.01 18.64 6.96
N GLU B 81 -13.26 18.45 6.53
CA GLU B 81 -14.36 19.12 7.19
C GLU B 81 -14.87 18.35 8.39
N ASP B 82 -14.05 17.47 8.96
CA ASP B 82 -14.44 16.67 10.10
C ASP B 82 -13.91 17.25 11.39
N PHE B 83 -13.05 18.26 11.31
CA PHE B 83 -12.27 18.77 12.44
C PHE B 83 -13.11 19.84 13.13
N ALA B 84 -13.87 19.41 14.12
CA ALA B 84 -14.71 20.30 14.91
C ALA B 84 -14.86 19.68 16.29
N THR B 85 -15.79 20.22 17.08
CA THR B 85 -16.00 19.74 18.43
C THR B 85 -17.26 18.89 18.47
N TYR B 86 -17.21 17.81 19.26
CA TYR B 86 -18.28 16.83 19.31
C TYR B 86 -18.74 16.69 20.75
N TYR B 87 -20.02 17.01 21.00
CA TYR B 87 -20.63 16.82 22.31
C TYR B 87 -21.55 15.62 22.23
N CYS B 88 -21.55 14.79 23.27
CA CYS B 88 -22.57 13.77 23.42
C CYS B 88 -23.58 14.30 24.42
N GLN B 89 -24.86 14.05 24.13
CA GLN B 89 -25.97 14.55 24.94
C GLN B 89 -26.71 13.41 25.61
N GLN B 90 -26.59 13.30 26.92
CA GLN B 90 -27.49 12.43 27.65
C GLN B 90 -28.83 13.13 27.77
N SER B 91 -29.91 12.36 27.79
CA SER B 91 -31.22 13.00 27.87
C SER B 91 -32.16 11.87 28.28
N HIS B 92 -32.32 11.72 29.58
CA HIS B 92 -33.07 10.63 30.19
C HIS B 92 -33.92 11.19 31.33
N SER B 93 -34.48 10.26 32.10
CA SER B 93 -35.16 10.60 33.34
C SER B 93 -34.18 10.60 34.49
N THR B 94 -32.99 10.06 34.27
CA THR B 94 -31.97 9.96 35.30
C THR B 94 -30.98 11.11 35.23
N VAL B 95 -30.40 11.32 34.06
CA VAL B 95 -29.43 12.39 33.84
C VAL B 95 -29.86 13.14 32.59
N ARG B 96 -29.53 14.40 32.52
CA ARG B 96 -29.98 15.22 31.41
C ARG B 96 -28.85 16.23 31.17
N THR B 97 -27.74 15.71 30.64
CA THR B 97 -26.50 16.44 30.57
C THR B 97 -26.04 16.60 29.13
N PHE B 98 -25.14 17.53 28.92
CA PHE B 98 -24.49 17.58 27.66
C PHE B 98 -23.11 17.00 27.94
N GLY B 99 -22.11 17.38 27.14
CA GLY B 99 -20.79 16.85 27.34
C GLY B 99 -19.83 17.92 27.78
N GLN B 100 -18.60 17.50 28.12
CA GLN B 100 -17.59 18.52 28.25
C GLN B 100 -17.31 19.09 26.88
N GLY B 101 -17.41 18.25 25.88
CA GLY B 101 -17.03 18.43 24.49
C GLY B 101 -15.68 17.82 24.23
N THR B 102 -15.47 17.38 22.99
CA THR B 102 -14.20 16.80 22.57
C THR B 102 -13.80 17.46 21.26
N LYS B 103 -12.64 18.08 21.25
CA LYS B 103 -12.19 18.86 20.11
C LYS B 103 -11.17 18.05 19.35
N VAL B 104 -11.44 17.79 18.08
CA VAL B 104 -10.48 17.14 17.21
C VAL B 104 -9.64 18.24 16.57
N GLU B 105 -8.35 18.27 16.89
CA GLU B 105 -7.46 19.24 16.30
C GLU B 105 -6.66 18.58 15.19
N ILE B 106 -6.32 19.38 14.18
CA ILE B 106 -5.63 18.89 13.00
C ILE B 106 -4.13 18.79 13.30
N LYS B 107 -3.57 17.61 13.13
CA LYS B 107 -2.20 17.36 13.55
C LYS B 107 -1.19 17.83 12.51
N ARG B 108 -0.03 18.28 12.99
CA ARG B 108 1.12 18.59 12.15
C ARG B 108 2.38 18.31 12.95
N THR B 109 3.54 18.66 12.37
CA THR B 109 4.84 18.50 13.01
C THR B 109 5.18 19.74 13.80
N VAL B 110 6.01 19.59 14.82
CA VAL B 110 6.27 20.69 15.76
C VAL B 110 6.89 21.87 15.04
N ALA B 111 6.47 23.06 15.44
CA ALA B 111 7.02 24.30 14.92
C ALA B 111 7.51 25.12 16.10
N ALA B 112 8.63 25.74 15.92
CA ALA B 112 9.22 26.59 16.94
C ALA B 112 8.59 27.98 16.88
N PRO B 113 8.25 28.56 18.02
CA PRO B 113 7.60 29.86 18.03
C PRO B 113 8.58 30.98 17.71
N SER B 114 8.24 31.80 16.71
CA SER B 114 8.97 33.04 16.45
C SER B 114 8.50 34.10 17.45
N VAL B 115 9.42 34.60 18.31
CA VAL B 115 9.05 35.48 19.42
C VAL B 115 9.34 36.94 19.09
N PHE B 116 8.53 37.81 19.67
CA PHE B 116 8.65 39.24 19.48
C PHE B 116 8.21 39.91 20.78
N ILE B 117 8.86 41.01 21.14
CA ILE B 117 8.50 41.79 22.32
C ILE B 117 8.28 43.23 21.91
N PHE B 118 7.31 43.87 22.55
CA PHE B 118 6.89 45.22 22.18
C PHE B 118 6.73 46.08 23.44
N PRO B 119 7.72 46.94 23.74
CA PRO B 119 7.60 47.86 24.87
C PRO B 119 6.50 48.86 24.62
N PRO B 120 6.02 49.55 25.67
CA PRO B 120 4.83 50.40 25.51
C PRO B 120 5.04 51.47 24.45
N SER B 121 3.96 51.83 23.79
CA SER B 121 4.05 52.92 22.83
C SER B 121 4.30 54.22 23.57
N ASP B 122 5.01 55.14 22.92
CA ASP B 122 5.18 56.46 23.52
C ASP B 122 3.82 57.10 23.77
N GLU B 123 2.89 56.93 22.82
CA GLU B 123 1.57 57.50 22.96
C GLU B 123 0.79 56.85 24.11
N GLN B 124 1.09 55.60 24.45
CA GLN B 124 0.36 54.95 25.53
C GLN B 124 0.80 55.41 26.91
N LEU B 125 2.09 55.76 27.07
CA LEU B 125 2.57 56.13 28.38
C LEU B 125 1.97 57.45 28.83
N LYS B 126 1.49 58.26 27.88
CA LYS B 126 0.79 59.50 28.18
C LYS B 126 -0.52 59.25 28.90
N SER B 127 -0.96 58.00 28.97
CA SER B 127 -2.25 57.67 29.56
C SER B 127 -2.14 57.10 30.96
N GLY B 128 -0.93 56.85 31.46
CA GLY B 128 -0.76 56.32 32.79
C GLY B 128 -0.68 54.80 32.86
N THR B 129 -1.09 54.11 31.81
CA THR B 129 -0.99 52.66 31.71
C THR B 129 0.13 52.32 30.74
N ALA B 130 0.91 51.30 31.08
CA ALA B 130 2.07 50.86 30.29
C ALA B 130 1.92 49.37 30.07
N SER B 131 1.72 48.96 28.81
CA SER B 131 1.43 47.57 28.47
C SER B 131 2.54 47.01 27.60
N VAL B 132 3.08 45.87 28.02
CA VAL B 132 4.17 45.19 27.30
C VAL B 132 3.60 43.98 26.57
N VAL B 133 3.83 43.91 25.27
CA VAL B 133 3.32 42.81 24.45
C VAL B 133 4.47 41.86 24.14
N CYS B 134 4.20 40.56 24.29
CA CYS B 134 5.04 39.51 23.78
C CYS B 134 4.23 38.77 22.73
N LEU B 135 4.90 38.01 21.87
CA LEU B 135 4.22 37.44 20.71
C LEU B 135 4.88 36.12 20.38
N LEU B 136 4.11 35.06 20.33
CA LEU B 136 4.60 33.77 19.86
C LEU B 136 3.93 33.49 18.52
N ASN B 137 4.71 33.27 17.48
CA ASN B 137 4.19 33.24 16.14
C ASN B 137 4.38 31.85 15.51
N ASN B 138 3.30 31.32 14.94
CA ASN B 138 3.23 30.06 14.22
C ASN B 138 3.93 28.88 14.89
N PHE B 139 3.25 28.23 15.83
CA PHE B 139 3.80 27.06 16.51
C PHE B 139 2.79 25.93 16.50
N TYR B 140 3.29 24.70 16.69
CA TYR B 140 2.53 23.50 16.96
C TYR B 140 3.46 22.72 17.89
N PRO B 141 2.95 22.11 18.96
CA PRO B 141 1.57 22.12 19.43
C PRO B 141 1.14 23.40 20.11
N ARG B 142 -0.11 23.43 20.56
CA ARG B 142 -0.59 24.61 21.26
C ARG B 142 0.13 24.78 22.59
N GLU B 143 0.51 23.68 23.23
CA GLU B 143 1.07 23.71 24.58
C GLU B 143 2.39 24.47 24.62
N ALA B 144 2.36 25.69 25.12
CA ALA B 144 3.53 26.56 25.28
C ALA B 144 3.27 27.48 26.45
N LYS B 145 4.30 27.77 27.25
CA LYS B 145 4.12 28.65 28.40
C LYS B 145 5.10 29.80 28.32
N VAL B 146 4.58 31.03 28.49
CA VAL B 146 5.41 32.21 28.58
C VAL B 146 5.61 32.50 30.06
N GLN B 147 6.68 33.24 30.35
CA GLN B 147 7.08 33.57 31.72
C GLN B 147 7.64 34.98 31.71
N TRP B 148 7.00 35.88 32.45
CA TRP B 148 7.43 37.27 32.44
C TRP B 148 8.42 37.51 33.56
N LYS B 149 9.50 38.18 33.23
CA LYS B 149 10.52 38.56 34.20
C LYS B 149 10.70 40.06 34.15
N VAL B 150 10.74 40.70 35.31
CA VAL B 150 11.10 42.11 35.37
C VAL B 150 12.24 42.23 36.37
N ASP B 151 13.44 42.53 35.88
CA ASP B 151 14.63 42.58 36.72
C ASP B 151 14.79 41.27 37.51
N ASN B 152 14.64 40.15 36.81
CA ASN B 152 14.71 38.83 37.42
C ASN B 152 13.62 38.63 38.49
N ALA B 153 12.57 39.45 38.46
CA ALA B 153 11.37 39.17 39.24
C ALA B 153 10.38 38.46 38.33
N LEU B 154 9.91 37.28 38.76
CA LEU B 154 9.00 36.46 37.97
C LEU B 154 7.57 36.95 38.16
N GLN B 155 6.88 37.19 37.06
CA GLN B 155 5.55 37.76 37.13
C GLN B 155 4.47 36.70 36.99
N SER B 156 3.32 36.94 37.64
CA SER B 156 2.20 36.03 37.60
C SER B 156 0.87 36.68 37.99
N GLY B 157 0.30 37.53 37.15
CA GLY B 157 -1.01 38.05 37.50
C GLY B 157 -1.42 39.32 36.79
N ASN B 158 -0.47 39.92 36.10
CA ASN B 158 -0.71 41.12 35.30
C ASN B 158 -0.74 40.84 33.81
N SER B 159 -0.19 39.71 33.38
CA SER B 159 -0.19 39.21 32.01
C SER B 159 -1.54 38.59 31.65
N GLN B 160 -1.79 38.52 30.34
CA GLN B 160 -3.04 37.95 29.84
C GLN B 160 -2.82 37.31 28.47
N GLU B 161 -2.61 35.99 28.47
CA GLU B 161 -2.47 35.21 27.25
C GLU B 161 -3.78 35.16 26.48
N SER B 162 -3.69 35.16 25.15
CA SER B 162 -4.84 34.84 24.31
C SER B 162 -4.28 34.25 23.02
N VAL B 163 -4.84 33.14 22.58
CA VAL B 163 -4.24 32.34 21.53
C VAL B 163 -5.28 32.12 20.44
N THR B 164 -4.80 31.92 19.22
CA THR B 164 -5.74 31.84 18.12
C THR B 164 -6.19 30.40 17.91
N GLU B 165 -7.14 30.23 16.99
CA GLU B 165 -7.49 28.89 16.56
C GLU B 165 -6.53 28.48 15.44
N GLN B 166 -6.39 27.16 15.29
CA GLN B 166 -5.45 26.58 14.34
C GLN B 166 -5.58 27.22 12.96
N ASP B 167 -4.47 27.70 12.40
CA ASP B 167 -4.57 28.45 11.16
C ASP B 167 -5.09 27.60 10.02
N SER B 168 -5.87 28.24 9.14
CA SER B 168 -6.53 27.50 8.06
C SER B 168 -5.51 26.91 7.10
N LYS B 169 -4.35 27.56 6.98
CA LYS B 169 -3.36 27.17 5.99
C LYS B 169 -2.03 26.76 6.58
N ASP B 170 -1.74 27.12 7.82
CA ASP B 170 -0.53 26.65 8.49
C ASP B 170 -0.80 25.49 9.43
N SER B 171 -2.03 25.36 9.90
CA SER B 171 -2.41 24.46 11.00
C SER B 171 -1.56 24.77 12.25
N THR B 172 -1.27 26.06 12.45
CA THR B 172 -0.43 26.51 13.54
C THR B 172 -1.12 27.56 14.39
N TYR B 173 -0.64 27.68 15.62
CA TYR B 173 -1.19 28.61 16.60
C TYR B 173 -0.30 29.83 16.69
N SER B 174 -0.86 30.91 17.25
CA SER B 174 -0.11 32.12 17.61
C SER B 174 -0.66 32.61 18.93
N LEU B 175 0.22 32.91 19.87
CA LEU B 175 -0.17 33.32 21.22
C LEU B 175 0.37 34.70 21.53
N SER B 176 -0.44 35.55 22.16
CA SER B 176 -0.03 36.93 22.45
C SER B 176 -0.26 37.25 23.94
N SER B 177 0.78 37.09 24.77
CA SER B 177 0.70 37.47 26.18
C SER B 177 1.02 38.96 26.32
N THR B 178 0.15 39.70 27.03
CA THR B 178 0.27 41.16 27.21
C THR B 178 0.40 41.51 28.69
N LEU B 179 1.54 42.06 29.07
CA LEU B 179 1.79 42.51 30.44
C LEU B 179 1.49 44.00 30.54
N THR B 180 0.55 44.36 31.43
CA THR B 180 0.08 45.74 31.56
C THR B 180 0.37 46.22 32.97
N LEU B 181 1.08 47.35 33.06
CA LEU B 181 1.39 48.01 34.32
C LEU B 181 0.88 49.44 34.30
N SER B 182 0.96 50.09 35.46
CA SER B 182 0.71 51.50 35.53
C SER B 182 1.98 52.24 35.15
N LYS B 183 1.81 53.41 34.53
CA LYS B 183 2.98 54.18 34.11
C LYS B 183 4.00 54.25 35.23
N ALA B 184 3.53 54.53 36.45
CA ALA B 184 4.42 54.62 37.60
C ALA B 184 5.17 53.31 37.84
N ASP B 185 4.43 52.22 38.02
CA ASP B 185 5.05 50.92 38.28
C ASP B 185 5.97 50.51 37.14
N TYR B 186 5.74 51.07 35.95
CA TYR B 186 6.57 50.73 34.80
C TYR B 186 7.96 51.33 34.91
N GLU B 187 8.06 52.56 35.41
CA GLU B 187 9.32 53.28 35.47
C GLU B 187 10.28 52.73 36.51
N LYS B 188 9.85 51.83 37.37
CA LYS B 188 10.73 51.38 38.44
C LYS B 188 11.67 50.26 38.01
N HIS B 189 11.55 49.73 36.81
CA HIS B 189 12.28 48.53 36.49
C HIS B 189 13.06 48.66 35.18
N LYS B 190 14.13 47.87 35.05
CA LYS B 190 15.05 47.97 33.93
C LYS B 190 14.83 46.88 32.89
N VAL B 191 14.90 45.63 33.32
CA VAL B 191 14.81 44.48 32.42
C VAL B 191 13.35 44.03 32.32
N TYR B 192 12.89 43.80 31.10
CA TYR B 192 11.56 43.28 30.80
C TYR B 192 11.76 42.08 29.89
N ALA B 193 11.87 40.91 30.51
CA ALA B 193 12.18 39.70 29.80
C ALA B 193 10.92 38.86 29.68
N CYS B 194 10.74 38.25 28.51
CA CYS B 194 9.62 37.38 28.20
C CYS B 194 10.24 36.05 27.80
N GLU B 195 10.14 35.06 28.67
CA GLU B 195 10.73 33.74 28.47
C GLU B 195 9.65 32.79 27.96
N VAL B 196 9.93 32.07 26.88
CA VAL B 196 8.95 31.15 26.33
C VAL B 196 9.60 29.78 26.15
N THR B 197 8.87 28.74 26.52
CA THR B 197 9.36 27.39 26.34
C THR B 197 8.35 26.66 25.48
N HIS B 198 8.83 25.81 24.57
CA HIS B 198 7.97 25.12 23.64
C HIS B 198 8.54 23.74 23.37
N GLN B 199 7.68 22.86 22.84
CA GLN B 199 8.14 21.55 22.39
C GLN B 199 9.26 21.68 21.38
N GLY B 200 9.05 22.49 20.35
CA GLY B 200 10.04 22.67 19.31
C GLY B 200 11.15 23.67 19.60
N LEU B 201 11.45 23.93 20.87
CA LEU B 201 12.56 24.80 21.25
C LEU B 201 13.59 23.98 21.99
N SER B 202 14.77 23.86 21.39
CA SER B 202 15.88 23.12 22.00
C SER B 202 16.18 23.64 23.40
N SER B 203 16.19 24.97 23.57
CA SER B 203 16.39 25.62 24.87
C SER B 203 15.49 26.85 24.96
N PRO B 204 14.88 27.10 26.12
CA PRO B 204 13.92 28.21 26.23
C PRO B 204 14.46 29.53 25.72
N VAL B 205 13.69 30.18 24.88
CA VAL B 205 14.04 31.48 24.31
C VAL B 205 13.59 32.58 25.27
N THR B 206 14.43 33.61 25.41
CA THR B 206 14.08 34.81 26.17
C THR B 206 14.30 36.00 25.24
N LYS B 207 13.36 36.93 25.26
CA LYS B 207 13.45 38.13 24.42
C LYS B 207 13.27 39.30 25.35
N SER B 208 14.38 39.85 25.84
CA SER B 208 14.40 40.90 26.84
C SER B 208 14.52 42.28 26.20
N PHE B 209 14.38 43.31 27.04
CA PHE B 209 14.72 44.67 26.63
C PHE B 209 14.93 45.52 27.87
N ASN B 210 15.87 46.45 27.79
CA ASN B 210 16.20 47.37 28.87
C ASN B 210 15.64 48.74 28.52
N ARG B 211 14.82 49.28 29.41
CA ARG B 211 13.94 50.40 29.10
C ARG B 211 14.61 51.63 28.50
N VAL C 2 32.41 -31.73 -35.26
CA VAL C 2 31.08 -31.23 -35.62
C VAL C 2 30.70 -30.06 -34.72
N GLN C 3 30.44 -28.92 -35.34
CA GLN C 3 30.23 -27.68 -34.62
C GLN C 3 29.14 -26.86 -35.29
N LEU C 4 28.14 -26.48 -34.52
CA LEU C 4 27.09 -25.60 -35.00
C LEU C 4 27.51 -24.16 -34.74
N VAL C 5 27.46 -23.34 -35.79
CA VAL C 5 27.91 -21.95 -35.73
C VAL C 5 26.80 -21.08 -36.30
N GLN C 6 26.29 -20.17 -35.48
CA GLN C 6 25.12 -19.36 -35.83
C GLN C 6 25.47 -17.86 -35.84
N SER C 7 24.51 -17.07 -36.32
CA SER C 7 24.74 -15.73 -36.84
C SER C 7 25.27 -14.71 -35.81
N GLY C 8 25.31 -15.03 -34.53
CA GLY C 8 25.69 -14.05 -33.54
C GLY C 8 24.52 -13.13 -33.21
N ALA C 9 24.75 -12.29 -32.19
CA ALA C 9 23.70 -11.42 -31.66
C ALA C 9 23.21 -10.41 -32.68
N GLU C 10 21.88 -10.22 -32.72
CA GLU C 10 21.23 -9.21 -33.54
C GLU C 10 20.20 -8.48 -32.69
N VAL C 11 20.33 -7.16 -32.58
CA VAL C 11 19.32 -6.33 -31.95
C VAL C 11 18.33 -5.79 -32.97
N LYS C 12 17.04 -5.99 -32.72
CA LYS C 12 15.97 -5.47 -33.59
C LYS C 12 14.84 -4.94 -32.74
N LYS C 13 13.87 -4.33 -33.41
CA LYS C 13 12.77 -3.62 -32.80
C LYS C 13 11.44 -4.30 -33.05
N PRO C 14 10.49 -4.16 -32.12
CA PRO C 14 9.17 -4.80 -32.25
C PRO C 14 8.48 -4.46 -33.57
N GLY C 15 7.69 -5.43 -34.04
CA GLY C 15 7.00 -5.34 -35.31
C GLY C 15 7.83 -5.75 -36.50
N SER C 16 9.07 -6.15 -36.27
CA SER C 16 10.00 -6.47 -37.33
C SER C 16 10.22 -7.98 -37.38
N SER C 17 11.26 -8.38 -38.11
CA SER C 17 11.56 -9.78 -38.36
C SER C 17 13.06 -9.95 -38.24
N VAL C 18 13.49 -10.98 -37.51
CA VAL C 18 14.90 -11.33 -37.39
C VAL C 18 15.10 -12.64 -38.14
N LYS C 19 16.33 -12.85 -38.62
CA LYS C 19 16.69 -14.12 -39.26
C LYS C 19 18.00 -14.61 -38.69
N VAL C 20 17.99 -15.81 -38.11
CA VAL C 20 19.18 -16.42 -37.54
C VAL C 20 19.55 -17.63 -38.38
N SER C 21 20.82 -17.74 -38.74
CA SER C 21 21.34 -18.88 -39.49
C SER C 21 22.08 -19.81 -38.55
N CYS C 22 22.26 -21.06 -38.96
CA CYS C 22 23.06 -21.99 -38.17
C CYS C 22 23.80 -22.93 -39.12
N LYS C 23 25.12 -22.74 -39.22
CA LYS C 23 25.94 -23.47 -40.18
C LYS C 23 26.49 -24.75 -39.55
N ALA C 24 26.38 -25.85 -40.28
CA ALA C 24 26.95 -27.13 -39.86
C ALA C 24 28.33 -27.23 -40.51
N SER C 25 29.35 -27.46 -39.69
CA SER C 25 30.74 -27.44 -40.14
C SER C 25 31.30 -28.82 -40.47
N GLY C 26 31.34 -29.71 -39.48
CA GLY C 26 31.92 -31.03 -39.64
C GLY C 26 31.56 -31.82 -40.89
N SER C 28 28.54 -35.56 -39.27
CA SER C 28 28.37 -35.18 -40.66
C SER C 28 26.92 -34.84 -40.92
N PHE C 29 26.35 -34.00 -40.04
CA PHE C 29 24.94 -33.62 -40.04
C PHE C 29 24.43 -33.16 -41.39
N SER C 30 23.12 -33.17 -41.55
CA SER C 30 22.45 -32.58 -42.70
C SER C 30 21.74 -31.34 -42.21
N SER C 31 21.40 -30.47 -43.16
CA SER C 31 20.75 -29.24 -42.76
C SER C 31 19.33 -29.49 -42.25
N ASN C 32 18.73 -30.63 -42.61
CA ASN C 32 17.43 -31.03 -42.09
C ASN C 32 17.46 -31.64 -40.69
N ALA C 33 18.60 -31.74 -40.01
CA ALA C 33 18.57 -32.36 -38.69
C ALA C 33 18.63 -31.34 -37.56
N ILE C 34 18.65 -30.05 -37.87
CA ILE C 34 18.74 -29.00 -36.85
C ILE C 34 17.35 -28.67 -36.34
N SER C 35 17.25 -28.40 -35.05
CA SER C 35 16.06 -27.82 -34.48
C SER C 35 16.43 -26.48 -33.87
N TRP C 36 15.47 -25.83 -33.20
CA TRP C 36 15.70 -24.50 -32.64
C TRP C 36 15.01 -24.45 -31.27
N VAL C 37 15.81 -24.48 -30.22
CA VAL C 37 15.29 -24.39 -28.87
C VAL C 37 15.59 -22.99 -28.36
N ARG C 38 14.69 -22.44 -27.54
CA ARG C 38 14.77 -21.05 -27.08
C ARG C 38 14.86 -20.99 -25.56
N GLN C 39 15.67 -20.04 -25.04
CA GLN C 39 15.84 -19.85 -23.61
C GLN C 39 15.83 -18.38 -23.21
N ALA C 40 14.96 -18.02 -22.27
CA ALA C 40 14.86 -16.63 -21.81
C ALA C 40 14.59 -16.51 -20.30
N GLY C 44 13.75 -20.60 -18.27
CA GLY C 44 14.05 -21.93 -18.78
C GLY C 44 13.80 -22.13 -20.27
N LEU C 45 13.80 -23.39 -20.71
CA LEU C 45 13.87 -23.72 -22.12
C LEU C 45 12.50 -24.03 -22.70
N GLU C 46 12.33 -23.72 -23.99
CA GLU C 46 11.07 -23.98 -24.70
C GLU C 46 11.41 -24.28 -26.15
N TRP C 47 10.97 -25.46 -26.63
CA TRP C 47 11.24 -25.87 -28.00
C TRP C 47 10.46 -25.03 -29.01
N MET C 48 11.14 -24.62 -30.08
CA MET C 48 10.47 -23.80 -31.09
C MET C 48 10.09 -24.58 -32.34
N GLY C 49 11.01 -25.30 -32.95
CA GLY C 49 10.65 -26.03 -34.14
C GLY C 49 11.76 -26.97 -34.56
N GLY C 50 11.40 -27.86 -35.49
CA GLY C 50 12.31 -28.80 -36.10
C GLY C 50 11.98 -28.88 -37.57
N ILE C 51 12.48 -29.87 -38.29
CA ILE C 51 12.20 -29.92 -39.71
C ILE C 51 11.62 -31.29 -40.03
N ASN C 52 10.68 -31.33 -40.96
CA ASN C 52 9.87 -32.53 -41.12
C ASN C 52 10.61 -33.53 -42.01
N PRO C 53 10.66 -34.80 -41.63
CA PRO C 53 11.43 -35.77 -42.42
C PRO C 53 10.80 -36.11 -43.75
N VAL C 54 9.47 -36.23 -43.79
CA VAL C 54 8.81 -36.79 -44.96
C VAL C 54 8.57 -35.77 -46.07
N LEU C 55 8.60 -34.48 -45.74
CA LEU C 55 8.32 -33.42 -46.68
C LEU C 55 9.47 -32.43 -46.81
N GLY C 56 10.47 -32.52 -45.94
CA GLY C 56 11.36 -31.39 -45.80
C GLY C 56 10.55 -30.44 -44.94
N ILE C 57 10.73 -29.14 -45.18
CA ILE C 57 10.00 -28.06 -44.50
C ILE C 57 9.95 -28.16 -42.97
N GLY C 58 9.83 -27.01 -42.33
CA GLY C 58 9.77 -27.00 -40.89
C GLY C 58 8.42 -27.46 -40.38
N ASN C 59 8.39 -27.90 -39.13
CA ASN C 59 7.15 -28.12 -38.42
C ASN C 59 7.40 -27.57 -37.03
N TYR C 60 6.55 -26.65 -36.59
CA TYR C 60 6.84 -25.81 -35.44
C TYR C 60 5.78 -26.04 -34.37
N ALA C 61 6.13 -25.68 -33.13
CA ALA C 61 5.17 -25.77 -32.06
C ALA C 61 4.05 -24.77 -32.29
N GLU C 62 2.85 -25.13 -31.83
CA GLU C 62 1.69 -24.28 -32.06
C GLU C 62 1.85 -22.91 -31.44
N LYS C 63 2.75 -22.77 -30.45
CA LYS C 63 2.87 -21.49 -29.78
C LYS C 63 3.45 -20.42 -30.69
N PHE C 64 4.16 -20.81 -31.75
CA PHE C 64 4.77 -19.85 -32.66
C PHE C 64 4.30 -20.06 -34.09
N GLN C 65 3.41 -21.01 -34.33
CA GLN C 65 3.00 -21.35 -35.69
C GLN C 65 2.32 -20.16 -36.35
N GLY C 66 2.85 -19.76 -37.51
CA GLY C 66 2.41 -18.58 -38.22
C GLY C 66 3.43 -17.46 -38.16
N ARG C 67 4.27 -17.46 -37.12
CA ARG C 67 5.26 -16.42 -36.89
C ARG C 67 6.69 -16.93 -37.05
N VAL C 68 6.87 -18.21 -37.36
CA VAL C 68 8.21 -18.78 -37.45
C VAL C 68 8.35 -19.58 -38.73
N THR C 69 9.59 -19.73 -39.20
CA THR C 69 9.89 -20.42 -40.45
C THR C 69 11.31 -20.98 -40.40
N ILE C 70 11.43 -22.29 -40.30
CA ILE C 70 12.73 -22.95 -40.41
C ILE C 70 12.91 -23.45 -41.84
N THR C 71 14.13 -23.31 -42.35
CA THR C 71 14.45 -23.72 -43.72
C THR C 71 15.78 -24.45 -43.71
N ALA C 72 15.96 -25.32 -44.70
CA ALA C 72 17.14 -26.16 -44.79
C ALA C 72 17.86 -25.86 -46.09
N ASP C 73 19.06 -25.30 -45.98
CA ASP C 73 19.95 -25.20 -47.14
C ASP C 73 20.82 -26.44 -47.06
N ASN C 74 20.31 -27.53 -47.64
CA ASN C 74 21.02 -28.80 -47.60
C ASN C 74 22.44 -28.74 -48.16
N PRO C 75 22.71 -28.10 -49.32
CA PRO C 75 24.09 -28.11 -49.85
C PRO C 75 25.08 -27.44 -48.91
N THR C 76 24.89 -26.16 -48.62
CA THR C 76 25.82 -25.51 -47.71
C THR C 76 25.60 -25.91 -46.26
N SER C 77 24.58 -26.72 -45.98
CA SER C 77 24.39 -27.31 -44.65
C SER C 77 24.17 -26.23 -43.59
N THR C 78 23.50 -25.14 -43.94
CA THR C 78 23.12 -24.11 -42.98
C THR C 78 21.60 -24.08 -42.87
N SER C 79 21.11 -23.53 -41.76
CA SER C 79 19.68 -23.51 -41.49
C SER C 79 19.23 -22.14 -41.02
N TYR C 80 18.18 -21.62 -41.63
CA TYR C 80 17.65 -20.30 -41.31
C TYR C 80 16.45 -20.42 -40.38
N LEU C 81 16.43 -19.62 -39.33
CA LEU C 81 15.28 -19.48 -38.45
C LEU C 81 14.80 -18.04 -38.55
N GLU C 82 13.57 -17.86 -39.02
CA GLU C 82 13.01 -16.54 -39.24
C GLU C 82 11.82 -16.39 -38.32
N LEU C 83 11.90 -15.44 -37.39
CA LEU C 83 10.84 -15.15 -36.44
C LEU C 83 10.32 -13.75 -36.72
N ARG C 84 9.02 -13.65 -37.01
CA ARG C 84 8.41 -12.40 -37.44
C ARG C 84 7.38 -11.92 -36.43
N SER C 85 6.84 -10.72 -36.71
CA SER C 85 5.92 -10.03 -35.79
C SER C 85 6.48 -10.00 -34.37
N LEU C 86 7.77 -9.69 -34.28
CA LEU C 86 8.51 -9.71 -33.03
C LEU C 86 7.80 -8.94 -31.92
N ARG C 87 7.69 -9.56 -30.75
CA ARG C 87 7.22 -8.93 -29.54
C ARG C 87 8.37 -8.84 -28.55
N SER C 88 8.07 -8.37 -27.34
CA SER C 88 9.10 -8.17 -26.34
C SER C 88 9.47 -9.46 -25.61
N GLU C 89 8.53 -10.38 -25.42
CA GLU C 89 8.96 -11.62 -24.80
C GLU C 89 9.83 -12.43 -25.75
N ASP C 90 9.93 -12.03 -27.03
CA ASP C 90 10.75 -12.69 -28.02
C ASP C 90 12.22 -12.47 -27.80
N THR C 91 12.55 -11.80 -26.70
CA THR C 91 13.94 -11.63 -26.30
C THR C 91 14.44 -12.88 -25.60
N ALA C 92 15.36 -13.58 -26.25
CA ALA C 92 15.92 -14.80 -25.70
C ALA C 92 17.20 -15.10 -26.47
N VAL C 93 17.92 -16.10 -25.99
CA VAL C 93 18.98 -16.71 -26.78
C VAL C 93 18.36 -17.86 -27.55
N TYR C 94 18.64 -17.90 -28.86
CA TYR C 94 18.01 -18.85 -29.76
C TYR C 94 19.06 -19.87 -30.18
N TYR C 95 18.90 -21.10 -29.70
CA TYR C 95 19.87 -22.13 -29.96
C TYR C 95 19.46 -22.92 -31.19
N CYS C 96 20.47 -23.43 -31.90
CA CYS C 96 20.24 -24.49 -32.86
C CYS C 96 20.88 -25.76 -32.30
N ALA C 97 20.26 -26.89 -32.60
CA ALA C 97 20.79 -28.16 -32.13
C ALA C 97 20.35 -29.24 -33.10
N THR C 98 21.16 -30.30 -33.19
CA THR C 98 20.91 -31.39 -34.11
C THR C 98 19.99 -32.40 -33.43
N LEU C 99 18.89 -32.71 -34.09
CA LEU C 99 17.90 -33.63 -33.55
C LEU C 99 18.36 -35.05 -33.84
N HIS C 100 18.48 -35.88 -32.79
CA HIS C 100 18.68 -37.31 -32.98
C HIS C 100 17.35 -38.00 -32.83
N PRO C 101 16.67 -38.38 -33.91
CA PRO C 101 15.29 -38.87 -33.76
C PRO C 101 15.27 -40.19 -33.01
N ARG C 102 14.29 -40.31 -32.15
CA ARG C 102 14.03 -41.56 -31.45
C ARG C 102 12.61 -42.10 -31.67
N LEU C 103 11.60 -41.25 -31.80
CA LEU C 103 10.22 -41.69 -32.02
C LEU C 103 9.47 -40.71 -32.92
N CYS C 104 8.70 -41.22 -33.88
CA CYS C 104 7.91 -40.34 -34.74
C CYS C 104 6.48 -40.83 -34.92
N ARG C 105 5.56 -39.87 -34.91
CA ARG C 105 4.15 -40.03 -35.27
C ARG C 105 3.90 -38.87 -36.21
N GLY C 106 3.18 -39.10 -37.30
CA GLY C 106 2.91 -37.93 -38.10
C GLY C 106 4.17 -37.28 -38.65
N GLY C 107 3.98 -36.08 -39.18
CA GLY C 107 5.07 -35.32 -39.75
C GLY C 107 6.12 -34.79 -38.77
N THR C 108 6.00 -35.04 -37.47
CA THR C 108 6.98 -34.52 -36.52
C THR C 108 7.74 -35.66 -35.87
N CYS C 109 9.06 -35.50 -35.77
CA CYS C 109 9.95 -36.46 -35.13
C CYS C 109 10.56 -35.79 -33.90
N TRP C 110 10.73 -36.56 -32.83
CA TRP C 110 11.33 -35.98 -31.63
C TRP C 110 12.02 -37.01 -30.74
N GLY C 111 13.13 -36.59 -30.12
CA GLY C 111 14.00 -37.47 -29.35
C GLY C 111 15.07 -36.80 -28.52
N TRP C 112 16.23 -36.42 -29.09
CA TRP C 112 17.23 -35.68 -28.30
C TRP C 112 18.17 -34.86 -29.16
N PHE C 113 18.86 -33.93 -28.47
CA PHE C 113 19.83 -32.99 -29.04
C PHE C 113 21.21 -33.26 -28.45
N ASP C 114 22.23 -33.48 -29.30
CA ASP C 114 23.55 -33.68 -28.73
C ASP C 114 24.48 -32.53 -29.09
N PRO C 115 24.66 -32.17 -30.35
CA PRO C 115 25.42 -30.95 -30.66
C PRO C 115 24.50 -29.74 -30.54
N TRP C 116 24.96 -28.72 -29.82
CA TRP C 116 24.19 -27.51 -29.57
C TRP C 116 24.93 -26.30 -30.12
N GLY C 117 24.20 -25.41 -30.77
CA GLY C 117 24.81 -24.22 -31.29
C GLY C 117 25.33 -23.31 -30.17
N GLN C 118 26.17 -22.35 -30.55
CA GLN C 118 26.73 -21.44 -29.55
C GLN C 118 25.68 -20.49 -29.01
N GLY C 119 24.56 -20.31 -29.73
CA GLY C 119 23.48 -19.46 -29.30
C GLY C 119 23.65 -18.03 -29.77
N THR C 120 22.60 -17.45 -30.34
CA THR C 120 22.61 -16.03 -30.70
C THR C 120 21.54 -15.32 -29.88
N LEU C 121 21.83 -14.10 -29.46
CA LEU C 121 20.95 -13.33 -28.60
C LEU C 121 20.19 -12.31 -29.45
N VAL C 122 18.87 -12.39 -29.44
CA VAL C 122 18.02 -11.45 -30.18
C VAL C 122 17.26 -10.65 -29.13
N THR C 123 17.72 -9.43 -28.86
CA THR C 123 17.04 -8.49 -27.97
C THR C 123 16.10 -7.61 -28.77
N VAL C 124 14.85 -7.56 -28.34
CA VAL C 124 13.83 -6.76 -28.98
C VAL C 124 13.44 -5.71 -27.95
N SER C 125 13.78 -4.45 -28.23
CA SER C 125 13.42 -3.31 -27.40
C SER C 125 12.87 -2.23 -28.31
N SER C 126 12.03 -1.40 -27.74
CA SER C 126 11.56 -0.23 -28.44
C SER C 126 12.61 0.87 -28.46
N ALA C 127 13.77 0.59 -27.88
CA ALA C 127 14.79 1.58 -27.57
C ALA C 127 15.78 1.78 -28.71
N SER C 128 16.64 2.79 -28.53
CA SER C 128 17.70 3.11 -29.47
C SER C 128 19.02 3.17 -28.71
N THR C 129 20.11 2.97 -29.44
CA THR C 129 21.42 2.89 -28.81
C THR C 129 21.69 4.16 -28.01
N LYS C 130 22.22 4.02 -26.80
CA LYS C 130 22.49 5.19 -25.99
C LYS C 130 23.67 4.92 -25.06
N GLY C 131 24.50 5.94 -24.86
CA GLY C 131 25.66 5.80 -24.01
C GLY C 131 25.33 6.02 -22.54
N PRO C 132 26.13 5.43 -21.66
CA PRO C 132 25.78 5.43 -20.23
C PRO C 132 26.16 6.74 -19.54
N SER C 133 25.56 6.94 -18.38
CA SER C 133 25.92 8.01 -17.47
C SER C 133 26.49 7.38 -16.20
N VAL C 134 27.69 7.80 -15.81
CA VAL C 134 28.42 7.17 -14.71
C VAL C 134 28.43 8.14 -13.53
N PHE C 135 28.02 7.65 -12.37
CA PHE C 135 27.84 8.43 -11.14
C PHE C 135 28.56 7.75 -10.01
N PRO C 136 29.43 8.44 -9.29
CA PRO C 136 30.22 7.79 -8.23
C PRO C 136 29.39 7.45 -7.01
N LEU C 137 29.81 6.41 -6.30
CA LEU C 137 29.16 5.95 -5.07
C LEU C 137 30.20 5.80 -3.96
N ALA C 138 30.25 6.76 -3.05
CA ALA C 138 31.30 6.90 -2.04
C ALA C 138 30.77 6.59 -0.62
N PRO C 139 31.71 6.37 0.36
CA PRO C 139 31.29 5.84 1.67
C PRO C 139 31.33 6.80 2.86
N SER C 140 30.94 6.27 4.03
CA SER C 140 31.02 6.95 5.31
C SER C 140 32.33 6.60 6.01
N SER C 141 32.52 7.17 7.20
CA SER C 141 33.70 6.92 8.04
C SER C 141 35.00 7.18 7.29
N ALA C 149 35.53 -1.16 4.22
CA ALA C 149 34.76 -0.01 3.76
C ALA C 149 34.71 0.04 2.23
N ALA C 150 33.52 0.31 1.66
CA ALA C 150 33.20 0.05 0.26
C ALA C 150 32.81 1.31 -0.51
N LEU C 151 32.86 1.21 -1.84
CA LEU C 151 32.62 2.34 -2.73
C LEU C 151 32.38 1.77 -4.13
N GLY C 152 31.82 2.60 -5.02
CA GLY C 152 31.52 2.08 -6.34
C GLY C 152 31.06 3.13 -7.34
N CYS C 153 30.69 2.64 -8.52
CA CYS C 153 30.21 3.46 -9.61
C CYS C 153 28.87 2.92 -10.08
N LEU C 154 27.98 3.81 -10.51
CA LEU C 154 26.65 3.45 -10.99
C LEU C 154 26.55 3.79 -12.48
N VAL C 155 26.40 2.77 -13.31
CA VAL C 155 26.24 2.96 -14.75
C VAL C 155 24.78 2.76 -15.07
N LYS C 156 24.06 3.84 -15.30
CA LYS C 156 22.63 3.73 -15.58
C LYS C 156 22.33 4.33 -16.95
N ASP C 157 21.13 4.03 -17.45
CA ASP C 157 20.57 4.69 -18.62
C ASP C 157 21.46 4.49 -19.85
N TYR C 158 21.41 3.26 -20.39
CA TYR C 158 22.16 2.92 -21.60
C TYR C 158 21.47 1.82 -22.39
N PHE C 159 21.94 1.64 -23.62
CA PHE C 159 21.43 0.63 -24.55
C PHE C 159 22.48 0.40 -25.63
N PRO C 160 22.57 -0.81 -26.21
CA PRO C 160 21.95 -2.15 -26.05
C PRO C 160 22.57 -3.20 -25.11
N GLU C 161 23.31 -2.77 -24.08
CA GLU C 161 24.01 -3.58 -23.08
C GLU C 161 25.32 -4.22 -23.55
N PRO C 162 25.75 -5.36 -22.95
CA PRO C 162 27.00 -5.38 -22.17
C PRO C 162 27.84 -4.10 -22.16
N VAL C 163 28.06 -3.59 -20.95
CA VAL C 163 28.99 -2.51 -20.68
C VAL C 163 30.14 -3.11 -19.89
N THR C 164 31.37 -2.74 -20.26
CA THR C 164 32.55 -3.29 -19.58
C THR C 164 33.05 -2.29 -18.57
N VAL C 165 33.42 -2.79 -17.39
CA VAL C 165 33.87 -1.99 -16.25
C VAL C 165 35.16 -2.57 -15.71
N SER C 166 36.17 -1.70 -15.53
CA SER C 166 37.43 -2.05 -14.89
C SER C 166 37.60 -1.21 -13.64
N TRP C 167 38.49 -1.65 -12.76
CA TRP C 167 38.80 -0.92 -11.54
C TRP C 167 40.28 -0.58 -11.53
N ASN C 168 40.57 0.71 -11.43
CA ASN C 168 41.95 1.21 -11.46
C ASN C 168 42.63 0.76 -12.75
N SER C 169 41.85 0.72 -13.83
CA SER C 169 42.29 0.31 -15.16
C SER C 169 42.88 -1.09 -15.15
N GLY C 170 42.40 -1.96 -14.25
CA GLY C 170 42.83 -3.35 -14.21
C GLY C 170 43.48 -3.77 -12.90
N ALA C 171 43.84 -2.83 -12.03
CA ALA C 171 44.64 -3.17 -10.85
C ALA C 171 43.85 -3.96 -9.80
N LEU C 172 42.66 -3.49 -9.40
CA LEU C 172 42.07 -3.93 -8.14
C LEU C 172 41.65 -5.40 -8.17
N THR C 173 40.66 -5.75 -8.99
CA THR C 173 40.16 -7.11 -9.17
C THR C 173 40.26 -8.05 -7.97
N SER C 174 40.23 -7.54 -6.75
CA SER C 174 40.27 -8.40 -5.55
C SER C 174 39.24 -7.85 -4.58
N GLY C 175 38.12 -8.54 -4.45
CA GLY C 175 37.00 -8.00 -3.72
C GLY C 175 36.04 -7.20 -4.58
N VAL C 176 36.29 -7.13 -5.89
CA VAL C 176 35.38 -6.48 -6.82
C VAL C 176 34.08 -7.27 -6.92
N HIS C 177 32.98 -6.54 -7.05
CA HIS C 177 31.65 -7.13 -7.20
C HIS C 177 30.90 -6.31 -8.25
N THR C 178 30.88 -6.81 -9.48
CA THR C 178 30.22 -6.14 -10.59
C THR C 178 28.86 -6.78 -10.82
N PHE C 179 27.79 -5.99 -10.66
CA PHE C 179 26.44 -6.56 -10.63
C PHE C 179 25.89 -6.78 -12.04
N PRO C 180 24.94 -7.71 -12.20
CA PRO C 180 24.25 -7.85 -13.48
C PRO C 180 23.21 -6.77 -13.68
N ALA C 181 23.08 -6.30 -14.91
CA ALA C 181 22.22 -5.16 -15.19
C ALA C 181 20.76 -5.48 -14.90
N VAL C 182 20.01 -4.42 -14.66
CA VAL C 182 18.55 -4.51 -14.54
C VAL C 182 17.96 -3.62 -15.63
N LEU C 183 16.78 -4.00 -16.08
CA LEU C 183 16.12 -3.33 -17.20
C LEU C 183 15.04 -2.36 -16.70
N GLN C 184 15.19 -1.10 -17.08
CA GLN C 184 14.33 -0.02 -16.61
C GLN C 184 13.15 0.19 -17.55
N SER C 185 12.08 0.79 -16.99
CA SER C 185 10.80 0.89 -17.69
C SER C 185 10.90 1.62 -19.03
N SER C 186 11.84 2.55 -19.16
CA SER C 186 11.97 3.27 -20.43
C SER C 186 12.62 2.40 -21.49
N GLY C 187 13.39 1.41 -21.06
CA GLY C 187 13.98 0.49 -22.00
C GLY C 187 15.46 0.34 -21.78
N LEU C 188 16.00 1.15 -20.89
CA LEU C 188 17.45 1.26 -20.71
C LEU C 188 17.92 0.45 -19.50
N TYR C 189 19.23 0.28 -19.42
CA TYR C 189 19.86 -0.59 -18.44
C TYR C 189 20.61 0.18 -17.37
N SER C 190 20.71 -0.44 -16.20
CA SER C 190 21.43 0.13 -15.07
C SER C 190 22.10 -0.95 -14.26
N LEU C 191 23.41 -0.81 -14.05
CA LEU C 191 24.14 -1.68 -13.15
C LEU C 191 25.07 -0.83 -12.29
N SER C 192 25.49 -1.42 -11.18
CA SER C 192 26.35 -0.78 -10.21
C SER C 192 27.47 -1.74 -9.89
N SER C 193 28.67 -1.19 -9.71
CA SER C 193 29.86 -1.97 -9.41
C SER C 193 30.49 -1.40 -8.15
N VAL C 194 30.87 -2.28 -7.23
CA VAL C 194 31.43 -1.88 -5.94
C VAL C 194 32.75 -2.61 -5.69
N VAL C 195 33.54 -2.07 -4.76
CA VAL C 195 34.76 -2.70 -4.29
C VAL C 195 34.94 -2.38 -2.81
N THR C 196 35.54 -3.31 -2.08
CA THR C 196 35.80 -3.19 -0.64
C THR C 196 37.27 -2.88 -0.37
N VAL C 197 37.52 -1.94 0.53
CA VAL C 197 38.87 -1.51 0.89
C VAL C 197 38.96 -1.29 2.38
N PRO C 198 40.17 -1.24 2.95
CA PRO C 198 40.35 -1.38 4.40
C PRO C 198 40.01 -0.15 5.25
N SER C 199 39.40 0.91 4.73
CA SER C 199 39.11 2.14 5.47
C SER C 199 40.36 2.90 5.90
N SER C 200 41.55 2.43 5.56
CA SER C 200 42.77 3.22 5.78
C SER C 200 43.04 4.11 4.58
N SER C 201 43.04 3.54 3.38
CA SER C 201 43.22 4.29 2.15
C SER C 201 41.90 4.90 1.66
N THR C 206 43.83 6.51 -4.22
CA THR C 206 42.73 7.05 -5.00
C THR C 206 42.19 5.96 -5.90
N TYR C 207 40.86 5.80 -5.94
CA TYR C 207 40.16 4.74 -6.66
C TYR C 207 39.34 5.32 -7.81
N ILE C 208 39.54 4.80 -9.01
CA ILE C 208 38.86 5.28 -10.21
C ILE C 208 38.34 4.07 -10.99
N CYS C 209 37.11 4.16 -11.48
CA CYS C 209 36.52 3.09 -12.28
C CYS C 209 36.42 3.51 -13.73
N ASN C 210 36.55 2.53 -14.63
CA ASN C 210 36.63 2.75 -16.07
C ASN C 210 35.47 2.05 -16.76
N VAL C 211 34.72 2.78 -17.58
CA VAL C 211 33.51 2.27 -18.22
C VAL C 211 33.61 2.45 -19.73
N ASN C 212 33.37 1.36 -20.46
CA ASN C 212 33.38 1.36 -21.92
C ASN C 212 32.10 0.71 -22.40
N HIS C 213 31.33 1.45 -23.19
CA HIS C 213 30.09 0.96 -23.81
C HIS C 213 30.32 0.83 -25.31
N LYS C 214 30.68 -0.38 -25.74
CA LYS C 214 31.10 -0.58 -27.12
C LYS C 214 30.04 -0.22 -28.15
N PRO C 215 28.76 -0.55 -27.99
CA PRO C 215 27.77 -0.20 -29.03
C PRO C 215 27.64 1.28 -29.34
N SER C 216 28.07 2.18 -28.45
CA SER C 216 27.86 3.60 -28.69
C SER C 216 29.13 4.43 -28.73
N ASN C 217 30.31 3.80 -28.66
CA ASN C 217 31.58 4.53 -28.67
C ASN C 217 31.65 5.55 -27.55
N THR C 218 31.11 5.17 -26.40
CA THR C 218 31.09 6.02 -25.22
C THR C 218 32.03 5.37 -24.21
N LYS C 219 33.06 6.10 -23.85
CA LYS C 219 34.07 5.64 -22.91
C LYS C 219 34.27 6.75 -21.88
N VAL C 220 33.77 6.53 -20.69
CA VAL C 220 33.74 7.55 -19.64
C VAL C 220 34.69 7.11 -18.55
N ASP C 221 35.36 8.10 -17.94
CA ASP C 221 36.20 7.87 -16.79
C ASP C 221 35.75 8.80 -15.68
N LYS C 222 35.54 8.25 -14.49
CA LYS C 222 34.99 9.00 -13.37
C LYS C 222 35.73 8.63 -12.09
N ARG C 223 36.14 9.65 -11.33
CA ARG C 223 36.85 9.41 -10.08
C ARG C 223 35.86 9.37 -8.93
N VAL C 224 36.19 8.58 -7.91
CA VAL C 224 35.32 8.42 -6.74
C VAL C 224 36.15 8.67 -5.49
N GLU C 225 35.82 9.72 -4.73
CA GLU C 225 36.46 9.99 -3.46
C GLU C 225 35.45 10.55 -2.47
N PRO C 226 35.68 10.37 -1.15
CA PRO C 226 34.71 10.75 -0.12
C PRO C 226 34.31 12.23 -0.13
N SER D 9 13.19 -24.80 -8.47
CA SER D 9 14.22 -24.47 -9.42
C SER D 9 15.55 -24.11 -8.74
N SER D 10 15.77 -24.59 -7.51
CA SER D 10 17.01 -24.26 -6.81
C SER D 10 17.25 -25.20 -5.64
N LEU D 11 18.45 -25.77 -5.57
CA LEU D 11 18.86 -26.60 -4.45
C LEU D 11 20.36 -26.49 -4.26
N SER D 12 20.82 -26.15 -3.06
CA SER D 12 22.24 -26.02 -2.76
C SER D 12 22.70 -27.18 -1.89
N ALA D 13 23.80 -27.82 -2.28
CA ALA D 13 24.34 -28.99 -1.59
C ALA D 13 25.86 -28.93 -1.63
N SER D 14 26.51 -29.84 -0.92
CA SER D 14 27.96 -29.79 -0.77
C SER D 14 28.66 -30.86 -1.61
N VAL D 15 29.96 -30.62 -1.83
CA VAL D 15 30.79 -31.47 -2.69
C VAL D 15 30.88 -32.86 -2.09
N GLY D 16 30.46 -33.87 -2.85
CA GLY D 16 30.56 -35.25 -2.42
C GLY D 16 29.25 -35.84 -1.95
N VAL D 19 23.15 -37.10 -4.78
CA VAL D 19 22.07 -36.15 -5.03
C VAL D 19 21.14 -36.72 -6.11
N THR D 20 19.82 -36.55 -5.96
CA THR D 20 18.89 -37.09 -6.94
C THR D 20 17.78 -36.08 -7.28
N ILE D 21 17.50 -35.94 -8.56
CA ILE D 21 16.55 -34.97 -9.08
C ILE D 21 15.39 -35.75 -9.70
N THR D 22 14.17 -35.53 -9.21
CA THR D 22 13.02 -36.23 -9.76
C THR D 22 12.29 -35.34 -10.78
N CYS D 23 11.72 -35.99 -11.80
CA CYS D 23 11.10 -35.29 -12.93
C CYS D 23 9.91 -36.12 -13.42
N ARG D 24 8.73 -35.83 -12.88
CA ARG D 24 7.55 -36.61 -13.25
C ARG D 24 6.92 -36.12 -14.54
N ALA D 25 6.08 -36.97 -15.12
CA ALA D 25 5.36 -36.70 -16.34
C ALA D 25 3.87 -36.96 -16.09
N GLY D 26 3.03 -36.53 -17.03
CA GLY D 26 1.60 -36.54 -16.77
C GLY D 26 0.90 -37.88 -16.98
N GLN D 27 1.09 -38.51 -18.13
CA GLN D 27 0.47 -39.81 -18.37
C GLN D 27 1.45 -40.97 -18.27
N ASN D 28 2.29 -41.15 -19.29
CA ASN D 28 3.22 -42.29 -19.38
C ASN D 28 4.09 -42.11 -20.61
N ILE D 29 5.36 -41.77 -20.43
CA ILE D 29 6.18 -41.53 -21.61
C ILE D 29 7.14 -42.69 -21.87
N ASN D 30 6.67 -43.91 -21.63
CA ASN D 30 7.46 -45.15 -21.70
C ASN D 30 8.97 -45.00 -21.60
N ASN D 31 9.45 -44.06 -20.79
CA ASN D 31 10.89 -43.87 -20.59
C ASN D 31 11.60 -43.29 -21.82
N TYR D 32 11.05 -42.18 -22.31
CA TYR D 32 11.52 -41.41 -23.44
C TYR D 32 11.91 -40.00 -23.01
N LEU D 33 12.50 -39.89 -21.82
CA LEU D 33 12.89 -38.64 -21.17
C LEU D 33 14.40 -38.44 -21.15
N ASN D 34 14.83 -37.18 -21.35
CA ASN D 34 16.23 -36.83 -21.43
C ASN D 34 16.59 -35.79 -20.37
N TRP D 35 17.88 -35.73 -20.02
CA TRP D 35 18.40 -34.79 -19.03
C TRP D 35 19.53 -33.96 -19.65
N TYR D 36 19.52 -32.66 -19.37
CA TYR D 36 20.55 -31.77 -19.90
C TYR D 36 21.26 -31.03 -18.77
N GLN D 37 22.48 -30.58 -19.05
CA GLN D 37 23.22 -29.75 -18.12
C GLN D 37 23.58 -28.48 -18.86
N GLN D 38 23.43 -27.35 -18.18
CA GLN D 38 23.79 -26.07 -18.75
C GLN D 38 24.51 -25.26 -17.69
N LYS D 39 25.67 -24.80 -18.01
CA LYS D 39 26.36 -23.89 -17.13
C LYS D 39 26.09 -22.46 -17.56
N PRO D 40 26.05 -21.53 -16.62
CA PRO D 40 25.61 -20.17 -16.94
C PRO D 40 26.47 -19.55 -18.04
N GLY D 41 25.80 -19.05 -19.08
CA GLY D 41 26.45 -18.36 -20.17
C GLY D 41 26.75 -19.20 -21.39
N LYS D 42 26.38 -20.48 -21.40
CA LYS D 42 26.68 -21.39 -22.49
C LYS D 42 25.45 -22.22 -22.76
N ALA D 43 25.44 -22.89 -23.90
CA ALA D 43 24.27 -23.70 -24.24
C ALA D 43 24.31 -24.99 -23.42
N PRO D 44 23.19 -25.71 -23.33
CA PRO D 44 23.22 -27.00 -22.65
C PRO D 44 23.91 -28.05 -23.51
N LYS D 45 24.35 -29.11 -22.84
CA LYS D 45 24.84 -30.30 -23.51
C LYS D 45 24.04 -31.45 -22.94
N VAL D 46 23.66 -32.41 -23.78
CA VAL D 46 22.87 -33.50 -23.25
C VAL D 46 23.77 -34.31 -22.34
N LEU D 47 23.23 -34.69 -21.19
CA LEU D 47 23.98 -35.45 -20.22
C LEU D 47 23.59 -36.92 -20.25
N ILE D 48 22.29 -37.18 -20.14
CA ILE D 48 21.73 -38.52 -20.27
C ILE D 48 20.58 -38.46 -21.26
N TYR D 49 20.42 -39.50 -22.08
CA TYR D 49 19.21 -39.67 -22.87
C TYR D 49 18.65 -41.05 -22.58
N ALA D 50 17.38 -41.25 -22.94
CA ALA D 50 16.67 -42.48 -22.63
C ALA D 50 16.60 -42.75 -21.13
N ALA D 51 16.46 -41.70 -20.33
CA ALA D 51 16.34 -41.80 -18.88
C ALA D 51 17.65 -42.24 -18.25
N SER D 52 18.30 -43.26 -18.86
CA SER D 52 19.43 -43.94 -18.25
C SER D 52 20.63 -44.11 -19.17
N ASN D 53 20.57 -43.65 -20.42
CA ASN D 53 21.68 -43.91 -21.32
C ASN D 53 22.71 -42.83 -21.06
N LEU D 54 23.67 -43.16 -20.20
CA LEU D 54 24.78 -42.27 -19.95
C LEU D 54 25.45 -41.97 -21.28
N GLN D 55 25.51 -40.70 -21.64
CA GLN D 55 26.09 -40.39 -22.93
C GLN D 55 27.59 -40.36 -22.81
N SER D 56 28.27 -40.88 -23.84
CA SER D 56 29.71 -41.10 -23.76
C SER D 56 30.43 -39.77 -23.59
N GLY D 57 31.27 -39.70 -22.56
CA GLY D 57 31.96 -38.48 -22.20
C GLY D 57 31.52 -37.89 -20.87
N VAL D 58 30.41 -38.33 -20.31
CA VAL D 58 30.01 -37.86 -18.98
C VAL D 58 30.47 -38.93 -17.98
N PRO D 59 30.95 -38.54 -16.81
CA PRO D 59 31.50 -39.52 -15.87
C PRO D 59 30.45 -40.54 -15.42
N SER D 60 30.93 -41.62 -14.81
CA SER D 60 30.04 -42.70 -14.37
C SER D 60 29.33 -42.40 -13.06
N ARG D 61 29.68 -41.30 -12.39
CA ARG D 61 28.89 -40.87 -11.23
C ARG D 61 27.47 -40.45 -11.61
N PHE D 62 27.23 -40.07 -12.86
CA PHE D 62 25.88 -39.72 -13.29
C PHE D 62 25.12 -40.98 -13.64
N SER D 63 23.87 -41.09 -13.17
CA SER D 63 23.10 -42.31 -13.36
C SER D 63 21.60 -41.99 -13.29
N GLY D 64 20.89 -42.22 -14.38
CA GLY D 64 19.45 -42.02 -14.45
C GLY D 64 18.67 -43.32 -14.38
N SER D 65 17.50 -43.27 -13.75
CA SER D 65 16.61 -44.42 -13.64
C SER D 65 15.19 -43.93 -13.86
N GLY D 66 14.56 -44.43 -14.92
CA GLY D 66 13.18 -44.11 -15.25
C GLY D 66 12.24 -45.30 -15.19
N SER D 67 10.94 -45.02 -15.10
CA SER D 67 9.94 -46.08 -15.19
C SER D 67 8.58 -45.54 -15.60
N GLY D 68 8.44 -45.04 -16.84
CA GLY D 68 7.13 -44.60 -17.25
C GLY D 68 6.83 -43.12 -17.04
N THR D 69 6.68 -42.75 -15.76
CA THR D 69 6.28 -41.41 -15.36
C THR D 69 7.27 -40.74 -14.42
N ASP D 70 7.74 -41.44 -13.40
CA ASP D 70 8.73 -40.91 -12.48
C ASP D 70 10.14 -41.31 -12.93
N PHE D 71 11.00 -40.31 -13.09
CA PHE D 71 12.35 -40.50 -13.59
C PHE D 71 13.32 -39.91 -12.60
N THR D 72 14.44 -40.59 -12.37
CA THR D 72 15.40 -40.11 -11.40
C THR D 72 16.70 -39.77 -12.14
N LEU D 73 17.51 -38.95 -11.49
CA LEU D 73 18.88 -38.68 -11.93
C LEU D 73 19.72 -38.53 -10.68
N THR D 74 20.68 -39.41 -10.48
CA THR D 74 21.44 -39.50 -9.24
C THR D 74 22.90 -39.18 -9.50
N ILE D 75 23.53 -38.49 -8.55
CA ILE D 75 24.97 -38.29 -8.55
C ILE D 75 25.52 -38.79 -7.22
N SER D 76 26.42 -39.78 -7.28
CA SER D 76 26.93 -40.39 -6.06
C SER D 76 27.85 -39.44 -5.29
N SER D 77 28.65 -38.65 -6.00
CA SER D 77 29.51 -37.65 -5.35
C SER D 77 29.66 -36.44 -6.27
N LEU D 78 29.24 -35.29 -5.77
CA LEU D 78 29.20 -34.06 -6.55
C LEU D 78 30.59 -33.47 -6.70
N GLN D 79 30.91 -32.96 -7.90
CA GLN D 79 32.22 -32.36 -8.13
C GLN D 79 32.14 -30.88 -8.53
N PRO D 80 33.26 -30.14 -8.45
CA PRO D 80 33.21 -28.69 -8.72
C PRO D 80 32.68 -28.28 -10.07
N GLU D 81 33.02 -28.98 -11.15
CA GLU D 81 32.56 -28.53 -12.47
C GLU D 81 31.17 -29.05 -12.75
N ASP D 82 30.48 -29.47 -11.71
CA ASP D 82 29.15 -30.04 -11.77
C ASP D 82 28.08 -29.06 -11.30
N PHE D 83 28.49 -27.92 -10.77
CA PHE D 83 27.58 -26.97 -10.12
C PHE D 83 26.97 -26.09 -11.19
N ALA D 84 25.85 -26.56 -11.74
CA ALA D 84 25.15 -25.83 -12.78
C ALA D 84 23.67 -26.22 -12.72
N THR D 85 22.94 -25.87 -13.77
CA THR D 85 21.51 -26.12 -13.85
C THR D 85 21.24 -27.33 -14.73
N TYR D 86 20.23 -28.12 -14.35
CA TYR D 86 19.89 -29.38 -15.01
C TYR D 86 18.42 -29.37 -15.40
N TYR D 87 18.15 -29.53 -16.69
CA TYR D 87 16.81 -29.67 -17.21
C TYR D 87 16.56 -31.12 -17.62
N CYS D 88 15.35 -31.59 -17.36
CA CYS D 88 14.86 -32.82 -17.96
C CYS D 88 14.00 -32.42 -19.14
N GLN D 89 14.06 -33.21 -20.21
CA GLN D 89 13.30 -32.96 -21.43
C GLN D 89 12.37 -34.15 -21.63
N GLN D 90 11.07 -33.92 -21.51
CA GLN D 90 10.11 -34.96 -21.86
C GLN D 90 9.90 -35.07 -23.37
N SER D 91 9.69 -36.30 -23.85
CA SER D 91 9.46 -36.54 -25.29
C SER D 91 8.93 -37.96 -25.52
N HIS D 92 7.60 -38.10 -25.69
CA HIS D 92 7.01 -39.41 -25.98
C HIS D 92 6.10 -39.30 -27.21
N SER D 93 4.79 -39.24 -26.99
CA SER D 93 3.84 -38.89 -28.03
C SER D 93 2.87 -37.83 -27.57
N THR D 94 2.77 -37.64 -26.26
CA THR D 94 1.81 -36.81 -25.56
C THR D 94 2.35 -35.44 -25.10
N VAL D 95 3.56 -35.37 -24.54
CA VAL D 95 4.06 -34.12 -23.93
C VAL D 95 5.34 -33.66 -24.62
N ARG D 96 5.58 -32.33 -24.57
CA ARG D 96 6.70 -31.63 -25.20
C ARG D 96 7.12 -30.44 -24.32
N THR D 97 7.73 -30.71 -23.18
CA THR D 97 8.18 -29.64 -22.31
C THR D 97 9.64 -29.86 -21.98
N PHE D 98 10.26 -28.82 -21.44
CA PHE D 98 11.56 -29.03 -20.83
C PHE D 98 11.30 -29.14 -19.33
N GLY D 99 11.30 -28.02 -18.63
CA GLY D 99 11.09 -28.10 -17.21
C GLY D 99 11.51 -26.81 -16.54
N GLN D 100 11.23 -26.74 -15.24
CA GLN D 100 11.70 -25.61 -14.47
C GLN D 100 13.21 -25.57 -14.45
N GLY D 101 13.84 -26.72 -14.37
CA GLY D 101 15.28 -26.73 -14.20
C GLY D 101 15.63 -26.69 -12.73
N THR D 102 16.77 -27.29 -12.39
CA THR D 102 17.23 -27.28 -11.01
C THR D 102 18.68 -26.82 -10.98
N LYS D 103 18.95 -25.75 -10.28
CA LYS D 103 20.28 -25.17 -10.21
C LYS D 103 20.89 -25.59 -8.88
N VAL D 104 22.01 -26.31 -8.95
CA VAL D 104 22.73 -26.75 -7.77
C VAL D 104 23.76 -25.67 -7.42
N GLU D 105 23.58 -25.06 -6.27
CA GLU D 105 24.46 -24.02 -5.76
C GLU D 105 25.42 -24.61 -4.74
N ILE D 106 26.50 -23.87 -4.50
CA ILE D 106 27.53 -24.30 -3.57
C ILE D 106 27.07 -24.00 -2.14
N LYS D 107 27.13 -25.02 -1.28
CA LYS D 107 26.64 -24.90 0.09
C LYS D 107 27.72 -24.24 0.96
N ARG D 108 27.27 -23.47 1.95
CA ARG D 108 28.19 -22.82 2.88
C ARG D 108 27.56 -22.73 4.27
N THR D 109 28.28 -22.08 5.17
CA THR D 109 27.78 -21.74 6.48
C THR D 109 27.18 -20.34 6.41
N VAL D 110 26.21 -20.07 7.29
CA VAL D 110 25.47 -18.82 7.19
C VAL D 110 26.43 -17.65 7.33
N ALA D 111 26.23 -16.63 6.51
CA ALA D 111 27.04 -15.43 6.57
C ALA D 111 26.12 -14.22 6.73
N ALA D 112 26.51 -13.32 7.60
CA ALA D 112 25.73 -12.11 7.83
C ALA D 112 26.11 -11.05 6.80
N PRO D 113 25.15 -10.36 6.21
CA PRO D 113 25.47 -9.35 5.18
C PRO D 113 26.01 -8.08 5.81
N SER D 114 27.23 -7.70 5.42
CA SER D 114 27.74 -6.38 5.80
C SER D 114 27.07 -5.36 4.89
N VAL D 115 26.33 -4.44 5.48
CA VAL D 115 25.45 -3.56 4.74
C VAL D 115 26.08 -2.19 4.52
N PHE D 116 25.63 -1.52 3.47
CA PHE D 116 26.11 -0.20 3.07
C PHE D 116 24.94 0.57 2.47
N ILE D 117 24.94 1.89 2.65
CA ILE D 117 23.97 2.76 1.98
C ILE D 117 24.74 3.85 1.24
N PHE D 118 24.25 4.21 0.06
CA PHE D 118 24.95 5.14 -0.82
C PHE D 118 23.96 6.19 -1.30
N PRO D 119 23.96 7.37 -0.70
CA PRO D 119 23.09 8.45 -1.14
C PRO D 119 23.45 8.90 -2.54
N PRO D 120 22.58 9.67 -3.20
CA PRO D 120 22.81 10.00 -4.61
C PRO D 120 24.10 10.78 -4.76
N SER D 121 24.76 10.59 -5.90
CA SER D 121 25.88 11.47 -6.17
C SER D 121 25.34 12.86 -6.49
N ASP D 122 26.10 13.88 -6.13
CA ASP D 122 25.70 15.23 -6.52
C ASP D 122 25.57 15.32 -8.03
N GLU D 123 26.45 14.61 -8.75
CA GLU D 123 26.47 14.70 -10.20
C GLU D 123 25.17 14.22 -10.81
N GLN D 124 24.47 13.28 -10.17
CA GLN D 124 23.23 12.78 -10.74
C GLN D 124 22.07 13.75 -10.54
N LEU D 125 22.09 14.49 -9.43
CA LEU D 125 20.94 15.34 -9.12
C LEU D 125 20.78 16.51 -10.06
N LYS D 126 21.87 16.95 -10.71
CA LYS D 126 21.73 18.00 -11.71
C LYS D 126 20.96 17.50 -12.91
N SER D 127 21.22 16.25 -13.32
CA SER D 127 20.54 15.66 -14.47
C SER D 127 19.02 15.67 -14.32
N GLY D 128 18.53 15.18 -13.18
CA GLY D 128 17.09 15.19 -12.95
C GLY D 128 16.53 13.93 -12.33
N THR D 129 17.38 12.94 -12.07
CA THR D 129 17.00 11.70 -11.41
C THR D 129 17.73 11.63 -10.08
N ALA D 130 17.36 10.66 -9.25
CA ALA D 130 17.99 10.52 -7.95
C ALA D 130 17.94 9.06 -7.54
N SER D 131 19.09 8.40 -7.51
CA SER D 131 19.15 6.97 -7.27
C SER D 131 19.86 6.72 -5.96
N VAL D 132 19.20 6.01 -5.06
CA VAL D 132 19.76 5.64 -3.77
C VAL D 132 20.06 4.15 -3.83
N VAL D 133 21.30 3.78 -3.55
CA VAL D 133 21.72 2.38 -3.62
C VAL D 133 21.86 1.83 -2.22
N CYS D 134 21.43 0.60 -2.03
CA CYS D 134 21.74 -0.17 -0.84
C CYS D 134 22.59 -1.36 -1.24
N LEU D 135 23.24 -1.99 -0.26
CA LEU D 135 24.16 -3.07 -0.59
C LEU D 135 24.32 -4.02 0.58
N LEU D 136 24.07 -5.30 0.33
CA LEU D 136 24.43 -6.40 1.22
C LEU D 136 25.54 -7.12 0.50
N ASN D 137 26.65 -7.43 1.18
CA ASN D 137 27.86 -7.69 0.41
C ASN D 137 28.27 -9.15 0.31
N ASN D 138 28.64 -9.81 1.41
CA ASN D 138 29.08 -11.20 1.30
C ASN D 138 28.31 -12.05 2.30
N PHE D 139 27.16 -12.55 1.84
CA PHE D 139 26.25 -13.34 2.65
C PHE D 139 25.90 -14.65 1.98
N TYR D 140 25.46 -15.59 2.82
CA TYR D 140 24.89 -16.86 2.46
C TYR D 140 23.83 -17.13 3.52
N PRO D 141 22.65 -17.65 3.14
CA PRO D 141 22.13 -17.99 1.81
C PRO D 141 21.65 -16.81 0.99
N ARG D 142 21.07 -17.12 -0.18
CA ARG D 142 20.49 -16.09 -1.04
C ARG D 142 19.32 -15.39 -0.38
N GLU D 143 18.59 -16.09 0.48
CA GLU D 143 17.35 -15.58 1.05
C GLU D 143 17.65 -14.36 1.92
N ALA D 144 17.42 -13.17 1.37
CA ALA D 144 17.61 -11.90 2.07
C ALA D 144 16.68 -10.87 1.45
N LYS D 145 16.13 -10.00 2.30
CA LYS D 145 15.15 -9.01 1.87
C LYS D 145 15.54 -7.62 2.31
N VAL D 146 15.46 -6.66 1.39
CA VAL D 146 15.63 -5.27 1.70
C VAL D 146 14.24 -4.68 1.86
N GLN D 147 14.14 -3.57 2.58
CA GLN D 147 12.88 -2.88 2.78
C GLN D 147 13.19 -1.40 2.77
N TRP D 148 12.74 -0.69 1.75
CA TRP D 148 13.04 0.73 1.61
C TRP D 148 11.91 1.50 2.25
N LYS D 149 12.26 2.31 3.26
CA LYS D 149 11.31 3.20 3.92
C LYS D 149 11.95 4.58 3.91
N VAL D 150 11.32 5.54 3.25
CA VAL D 150 11.81 6.91 3.24
C VAL D 150 10.83 7.77 4.03
N ASP D 151 11.34 8.49 5.03
CA ASP D 151 10.50 9.19 6.01
C ASP D 151 9.52 8.22 6.68
N ASN D 152 10.00 6.99 6.92
CA ASN D 152 9.23 5.92 7.55
C ASN D 152 7.99 5.52 6.77
N ALA D 153 7.93 5.87 5.49
CA ALA D 153 6.88 5.42 4.60
C ALA D 153 7.35 4.12 3.95
N LEU D 154 6.82 2.98 4.40
CA LEU D 154 7.10 1.70 3.76
C LEU D 154 6.85 1.78 2.27
N GLN D 155 7.89 1.50 1.48
CA GLN D 155 7.83 1.65 0.03
C GLN D 155 7.96 0.30 -0.66
N SER D 156 7.35 0.22 -1.85
CA SER D 156 7.33 -0.99 -2.68
C SER D 156 7.06 -0.57 -4.11
N GLY D 157 7.93 -0.98 -5.03
CA GLY D 157 7.81 -0.66 -6.44
C GLY D 157 8.86 0.33 -6.88
N ASN D 158 9.63 0.85 -5.92
CA ASN D 158 10.68 1.81 -6.15
C ASN D 158 12.02 1.14 -6.24
N SER D 159 12.14 0.01 -5.55
CA SER D 159 13.36 -0.78 -5.54
C SER D 159 13.50 -1.52 -6.86
N GLN D 160 14.72 -1.91 -7.18
CA GLN D 160 14.98 -2.74 -8.35
C GLN D 160 16.25 -3.51 -8.00
N GLU D 161 16.07 -4.67 -7.38
CA GLU D 161 17.17 -5.51 -6.93
C GLU D 161 17.94 -6.16 -8.08
N SER D 162 19.22 -6.44 -7.83
CA SER D 162 20.07 -7.20 -8.72
C SER D 162 21.08 -7.95 -7.88
N VAL D 163 21.30 -9.22 -8.20
CA VAL D 163 22.12 -10.10 -7.36
C VAL D 163 23.11 -10.87 -8.24
N THR D 164 24.25 -11.23 -7.66
CA THR D 164 25.30 -11.90 -8.40
C THR D 164 25.19 -13.42 -8.26
N GLU D 165 26.04 -14.13 -9.00
CA GLU D 165 26.23 -15.55 -8.79
C GLU D 165 27.29 -15.72 -7.73
N GLN D 166 27.31 -16.90 -7.11
CA GLN D 166 28.28 -17.22 -6.06
C GLN D 166 29.72 -16.93 -6.47
N ASP D 167 30.45 -16.20 -5.61
CA ASP D 167 31.80 -15.77 -5.92
C ASP D 167 32.72 -16.98 -6.09
N SER D 168 33.79 -16.77 -6.86
CA SER D 168 34.65 -17.86 -7.30
C SER D 168 35.33 -18.61 -6.16
N LYS D 169 35.65 -17.93 -5.05
CA LYS D 169 36.37 -18.57 -3.95
C LYS D 169 35.65 -18.53 -2.61
N ASP D 170 34.78 -17.55 -2.36
CA ASP D 170 34.02 -17.50 -1.12
C ASP D 170 32.58 -17.97 -1.29
N SER D 171 32.09 -18.12 -2.51
CA SER D 171 30.76 -18.70 -2.80
C SER D 171 29.62 -17.91 -2.14
N THR D 172 29.70 -16.58 -2.16
CA THR D 172 28.67 -15.75 -1.57
C THR D 172 28.14 -14.75 -2.58
N TYR D 173 26.92 -14.27 -2.31
CA TYR D 173 26.16 -13.39 -3.19
C TYR D 173 26.27 -11.94 -2.72
N SER D 174 25.88 -11.02 -3.61
CA SER D 174 25.85 -9.59 -3.32
C SER D 174 24.60 -8.95 -3.90
N LEU D 175 23.99 -8.04 -3.15
CA LEU D 175 22.72 -7.42 -3.52
C LEU D 175 22.88 -5.94 -3.83
N SER D 176 22.21 -5.49 -4.90
CA SER D 176 22.27 -4.11 -5.39
C SER D 176 20.86 -3.59 -5.50
N SER D 177 20.30 -3.13 -4.38
CA SER D 177 18.97 -2.54 -4.39
C SER D 177 19.06 -1.08 -4.77
N THR D 178 18.37 -0.68 -5.83
CA THR D 178 18.43 0.68 -6.33
C THR D 178 17.06 1.30 -6.20
N LEU D 179 16.93 2.22 -5.27
CA LEU D 179 15.75 3.05 -5.14
C LEU D 179 15.99 4.36 -5.89
N THR D 180 15.19 4.57 -6.92
CA THR D 180 15.36 5.71 -7.82
C THR D 180 14.08 6.53 -7.84
N LEU D 181 14.20 7.82 -7.54
CA LEU D 181 13.10 8.77 -7.43
C LEU D 181 13.20 9.84 -8.50
N SER D 182 12.20 10.70 -8.52
CA SER D 182 12.22 11.88 -9.36
C SER D 182 12.99 12.98 -8.64
N LYS D 183 13.70 13.81 -9.42
CA LYS D 183 14.45 14.92 -8.82
C LYS D 183 13.58 15.72 -7.87
N ALA D 184 12.39 16.09 -8.34
CA ALA D 184 11.43 16.79 -7.51
C ALA D 184 11.05 15.94 -6.31
N ASP D 185 10.56 14.73 -6.57
CA ASP D 185 10.11 13.85 -5.49
C ASP D 185 11.22 13.57 -4.50
N TYR D 186 12.49 13.69 -4.90
CA TYR D 186 13.57 13.39 -3.98
C TYR D 186 13.71 14.48 -2.94
N GLU D 187 13.58 15.74 -3.35
CA GLU D 187 13.72 16.88 -2.46
C GLU D 187 12.57 16.99 -1.47
N LYS D 188 11.54 16.17 -1.61
CA LYS D 188 10.36 16.23 -0.75
C LYS D 188 10.50 15.39 0.52
N HIS D 189 11.60 14.66 0.70
CA HIS D 189 11.74 13.75 1.83
C HIS D 189 13.07 13.92 2.53
N LYS D 190 13.10 13.51 3.81
CA LYS D 190 14.28 13.73 4.65
C LYS D 190 15.10 12.47 4.86
N VAL D 191 14.52 11.44 5.44
CA VAL D 191 15.25 10.22 5.78
C VAL D 191 15.08 9.17 4.67
N TYR D 192 16.18 8.48 4.31
CA TYR D 192 16.17 7.42 3.29
C TYR D 192 16.81 6.16 3.90
N ALA D 193 15.99 5.28 4.47
CA ALA D 193 16.49 4.14 5.21
C ALA D 193 16.29 2.85 4.40
N CYS D 194 17.27 1.95 4.51
CA CYS D 194 17.27 0.66 3.84
C CYS D 194 17.40 -0.40 4.91
N GLU D 195 16.34 -1.14 5.14
CA GLU D 195 16.28 -2.16 6.19
C GLU D 195 16.56 -3.51 5.56
N VAL D 196 17.41 -4.31 6.19
CA VAL D 196 17.75 -5.64 5.67
C VAL D 196 17.54 -6.68 6.75
N THR D 197 17.02 -7.84 6.35
CA THR D 197 16.76 -8.95 7.23
C THR D 197 17.52 -10.16 6.69
N HIS D 198 18.10 -10.97 7.57
CA HIS D 198 18.81 -12.17 7.14
C HIS D 198 18.76 -13.22 8.24
N GLN D 199 18.93 -14.49 7.84
CA GLN D 199 19.00 -15.55 8.84
C GLN D 199 20.16 -15.32 9.80
N GLY D 200 21.36 -15.10 9.27
CA GLY D 200 22.53 -14.93 10.10
C GLY D 200 22.60 -13.55 10.73
N LEU D 201 21.44 -12.92 10.91
CA LEU D 201 21.33 -11.64 11.61
C LEU D 201 20.49 -11.91 12.85
N SER D 202 21.11 -11.76 14.02
CA SER D 202 20.40 -11.95 15.28
C SER D 202 19.14 -11.08 15.33
N SER D 203 19.28 -9.82 14.93
CA SER D 203 18.19 -8.86 14.86
C SER D 203 18.34 -8.02 13.59
N PRO D 204 17.23 -7.75 12.91
CA PRO D 204 17.31 -7.06 11.62
C PRO D 204 18.13 -5.78 11.67
N VAL D 205 19.06 -5.67 10.73
CA VAL D 205 19.89 -4.48 10.63
C VAL D 205 19.14 -3.44 9.81
N THR D 206 19.26 -2.19 10.22
CA THR D 206 18.65 -1.10 9.49
C THR D 206 19.70 -0.01 9.28
N LYS D 207 19.65 0.63 8.11
CA LYS D 207 20.59 1.65 7.68
C LYS D 207 19.85 2.96 7.46
N SER D 208 20.59 4.07 7.46
CA SER D 208 19.95 5.38 7.46
C SER D 208 20.86 6.44 6.87
N PHE D 209 20.24 7.48 6.30
CA PHE D 209 20.91 8.70 5.90
C PHE D 209 19.87 9.78 5.64
N ASN D 210 20.23 11.03 5.92
CA ASN D 210 19.33 12.18 5.86
C ASN D 210 19.68 13.08 4.68
N ARG D 211 18.65 13.54 3.97
CA ARG D 211 18.87 14.25 2.72
C ARG D 211 19.63 15.55 2.97
N GLY D 212 20.55 15.85 2.04
CA GLY D 212 21.32 17.08 2.11
C GLY D 212 22.07 17.29 3.41
N GLU D 213 23.19 16.59 3.59
CA GLU D 213 24.03 16.77 4.76
C GLU D 213 25.50 16.56 4.41
N VAL E 2 -26.53 -0.73 -9.36
CA VAL E 2 -26.14 -1.54 -10.52
C VAL E 2 -25.27 -2.73 -10.11
N GLN E 3 -25.50 -3.85 -10.77
CA GLN E 3 -24.87 -5.11 -10.42
C GLN E 3 -24.50 -5.87 -11.67
N LEU E 4 -23.51 -6.73 -11.53
CA LEU E 4 -23.13 -7.66 -12.59
C LEU E 4 -23.14 -9.05 -11.99
N VAL E 5 -23.88 -9.96 -12.63
CA VAL E 5 -24.01 -11.34 -12.19
C VAL E 5 -23.77 -12.24 -13.40
N GLN E 6 -22.78 -13.12 -13.29
CA GLN E 6 -22.35 -13.95 -14.39
C GLN E 6 -22.56 -15.41 -14.00
N SER E 7 -22.39 -16.30 -15.00
CA SER E 7 -22.88 -17.68 -14.94
C SER E 7 -22.23 -18.52 -13.85
N GLY E 8 -21.80 -19.74 -14.16
CA GLY E 8 -21.30 -20.63 -13.13
C GLY E 8 -20.05 -21.38 -13.56
N ALA E 9 -19.45 -22.06 -12.59
CA ALA E 9 -18.21 -22.77 -12.85
C ALA E 9 -18.46 -23.84 -13.90
N GLU E 10 -17.57 -23.91 -14.89
CA GLU E 10 -17.67 -24.91 -15.92
C GLU E 10 -16.31 -25.53 -16.11
N VAL E 11 -16.22 -26.83 -15.91
CA VAL E 11 -15.02 -27.59 -16.24
C VAL E 11 -15.13 -27.95 -17.72
N LYS E 12 -14.03 -27.82 -18.44
CA LYS E 12 -14.05 -28.09 -19.86
C LYS E 12 -12.88 -29.00 -20.19
N LYS E 13 -12.85 -29.44 -21.45
CA LYS E 13 -11.77 -30.30 -21.85
C LYS E 13 -10.97 -29.59 -22.94
N PRO E 14 -9.66 -29.80 -23.01
CA PRO E 14 -8.85 -29.08 -23.99
C PRO E 14 -9.41 -29.18 -25.39
N GLY E 15 -9.25 -28.10 -26.16
CA GLY E 15 -9.80 -28.03 -27.50
C GLY E 15 -11.26 -27.63 -27.56
N SER E 16 -11.89 -27.37 -26.43
CA SER E 16 -13.32 -27.15 -26.38
C SER E 16 -13.62 -25.65 -26.35
N SER E 17 -14.88 -25.32 -26.09
CA SER E 17 -15.34 -23.94 -26.17
C SER E 17 -16.24 -23.65 -24.99
N VAL E 18 -15.98 -22.54 -24.32
CA VAL E 18 -16.82 -22.06 -23.23
C VAL E 18 -17.48 -20.74 -23.65
N LYS E 19 -18.67 -20.51 -23.13
CA LYS E 19 -19.38 -19.25 -23.28
C LYS E 19 -19.90 -18.85 -21.92
N VAL E 20 -19.45 -17.69 -21.43
CA VAL E 20 -19.82 -17.19 -20.12
C VAL E 20 -20.67 -15.93 -20.30
N SER E 21 -21.71 -15.79 -19.48
CA SER E 21 -22.66 -14.68 -19.53
C SER E 21 -22.30 -13.65 -18.48
N CYS E 22 -22.84 -12.44 -18.66
CA CYS E 22 -22.71 -11.40 -17.64
C CYS E 22 -23.97 -10.56 -17.69
N LYS E 23 -24.84 -10.73 -16.69
CA LYS E 23 -26.17 -10.11 -16.69
C LYS E 23 -26.11 -8.77 -15.94
N ALA E 24 -26.52 -7.69 -16.60
CA ALA E 24 -26.49 -6.37 -15.98
C ALA E 24 -27.82 -6.11 -15.28
N SER E 25 -27.91 -6.52 -14.02
CA SER E 25 -29.15 -6.39 -13.25
C SER E 25 -29.12 -5.12 -12.40
N GLY E 26 -28.99 -3.98 -13.08
CA GLY E 26 -28.88 -2.71 -12.39
C GLY E 26 -29.71 -1.61 -13.01
N GLY E 27 -29.30 -0.36 -12.76
CA GLY E 27 -30.01 0.78 -13.31
C GLY E 27 -29.52 1.20 -14.68
N SER E 28 -30.29 0.83 -15.70
CA SER E 28 -30.05 1.12 -17.12
C SER E 28 -28.58 1.26 -17.51
N PHE E 29 -27.94 0.13 -17.80
CA PHE E 29 -26.57 0.09 -18.29
C PHE E 29 -26.61 -0.18 -19.79
N SER E 30 -25.46 -0.03 -20.44
CA SER E 30 -25.32 -0.53 -21.80
C SER E 30 -24.39 -1.71 -21.77
N SER E 31 -24.79 -2.76 -22.49
CA SER E 31 -23.98 -3.97 -22.57
C SER E 31 -22.73 -3.77 -23.41
N ASN E 32 -22.73 -2.75 -24.29
CA ASN E 32 -21.54 -2.43 -25.05
C ASN E 32 -20.45 -1.84 -24.18
N ALA E 33 -20.75 -1.62 -22.91
CA ALA E 33 -19.78 -1.05 -21.99
C ALA E 33 -19.16 -2.10 -21.09
N ILE E 34 -19.48 -3.38 -21.28
CA ILE E 34 -18.88 -4.43 -20.48
C ILE E 34 -17.56 -4.84 -21.15
N SER E 35 -16.56 -5.05 -20.32
CA SER E 35 -15.32 -5.66 -20.75
C SER E 35 -15.16 -6.97 -19.99
N TRP E 36 -14.08 -7.69 -20.27
CA TRP E 36 -13.88 -9.04 -19.77
C TRP E 36 -12.42 -9.18 -19.38
N VAL E 37 -12.16 -9.29 -18.10
CA VAL E 37 -10.82 -9.46 -17.56
C VAL E 37 -10.68 -10.87 -17.02
N ARG E 38 -9.46 -11.39 -17.09
CA ARG E 38 -9.15 -12.76 -16.72
C ARG E 38 -8.09 -12.80 -15.63
N GLN E 39 -8.20 -13.78 -14.72
CA GLN E 39 -7.22 -13.94 -13.65
C GLN E 39 -6.83 -15.40 -13.48
N ALA E 40 -5.54 -15.68 -13.59
CA ALA E 40 -4.99 -17.01 -13.48
C ALA E 40 -4.97 -17.48 -12.02
N PRO E 41 -4.71 -18.76 -11.76
CA PRO E 41 -4.80 -19.26 -10.38
C PRO E 41 -3.67 -18.81 -9.46
N GLY E 42 -2.49 -18.48 -9.99
CA GLY E 42 -1.43 -17.99 -9.14
C GLY E 42 -1.29 -16.49 -9.20
N GLN E 43 -1.47 -15.92 -10.38
CA GLN E 43 -1.04 -14.56 -10.68
C GLN E 43 -2.18 -13.54 -10.73
N GLY E 44 -2.01 -12.55 -11.60
CA GLY E 44 -2.77 -11.31 -11.62
C GLY E 44 -3.66 -11.15 -12.82
N LEU E 45 -4.04 -9.92 -13.14
CA LEU E 45 -5.15 -9.67 -14.04
C LEU E 45 -4.67 -9.50 -15.48
N GLU E 46 -5.56 -9.83 -16.41
CA GLU E 46 -5.25 -9.80 -17.83
C GLU E 46 -6.49 -9.42 -18.61
N TRP E 47 -6.44 -8.34 -19.37
CA TRP E 47 -7.60 -7.91 -20.13
C TRP E 47 -7.83 -8.80 -21.32
N MET E 48 -9.08 -9.18 -21.55
CA MET E 48 -9.41 -10.01 -22.70
C MET E 48 -10.13 -9.25 -23.79
N GLY E 49 -11.22 -8.57 -23.49
CA GLY E 49 -11.85 -7.81 -24.56
C GLY E 49 -13.00 -6.99 -24.06
N GLY E 50 -13.45 -6.08 -24.94
CA GLY E 50 -14.63 -5.29 -24.73
C GLY E 50 -15.36 -5.10 -26.04
N ILE E 51 -16.30 -4.18 -26.11
CA ILE E 51 -17.00 -3.86 -27.34
C ILE E 51 -16.82 -2.38 -27.52
N ASN E 52 -16.59 -1.94 -28.75
CA ASN E 52 -16.15 -0.56 -28.79
C ASN E 52 -16.92 0.29 -29.78
N PRO E 53 -17.03 1.59 -29.49
CA PRO E 53 -18.28 2.32 -29.71
C PRO E 53 -18.66 2.58 -31.16
N VAL E 54 -17.70 2.75 -32.07
CA VAL E 54 -18.09 3.30 -33.37
C VAL E 54 -18.76 2.27 -34.25
N LEU E 55 -18.57 0.98 -33.98
CA LEU E 55 -19.22 -0.05 -34.78
C LEU E 55 -20.08 -1.00 -33.97
N GLY E 56 -19.82 -1.12 -32.67
CA GLY E 56 -20.52 -2.12 -31.87
C GLY E 56 -19.99 -3.52 -32.04
N ILE E 57 -18.69 -3.68 -32.30
CA ILE E 57 -18.07 -4.98 -32.46
C ILE E 57 -16.98 -5.14 -31.41
N GLY E 58 -16.51 -6.38 -31.25
CA GLY E 58 -15.59 -6.69 -30.19
C GLY E 58 -14.24 -6.03 -30.38
N ASN E 59 -13.49 -5.95 -29.29
CA ASN E 59 -12.12 -5.49 -29.31
C ASN E 59 -11.33 -6.36 -28.34
N TYR E 60 -10.37 -7.11 -28.87
CA TYR E 60 -9.71 -8.15 -28.09
C TYR E 60 -8.20 -7.94 -28.04
N ALA E 61 -7.59 -8.55 -27.03
CA ALA E 61 -6.14 -8.51 -26.88
C ALA E 61 -5.49 -9.28 -28.02
N GLU E 62 -4.26 -8.88 -28.37
CA GLU E 62 -3.57 -9.65 -29.39
C GLU E 62 -3.32 -11.09 -28.94
N LYS E 63 -3.31 -11.33 -27.62
CA LYS E 63 -3.03 -12.66 -27.09
C LYS E 63 -4.19 -13.64 -27.31
N PHE E 64 -5.40 -13.13 -27.56
CA PHE E 64 -6.57 -13.95 -27.81
C PHE E 64 -7.21 -13.61 -29.13
N GLN E 65 -6.65 -12.67 -29.89
CA GLN E 65 -7.25 -12.25 -31.14
C GLN E 65 -7.37 -13.44 -32.07
N GLY E 66 -8.59 -13.76 -32.46
CA GLY E 66 -8.84 -14.93 -33.28
C GLY E 66 -9.48 -16.08 -32.54
N ARG E 67 -9.37 -16.12 -31.22
CA ARG E 67 -9.85 -17.24 -30.42
C ARG E 67 -11.07 -16.91 -29.58
N VAL E 68 -11.42 -15.63 -29.43
CA VAL E 68 -12.45 -15.20 -28.49
C VAL E 68 -13.46 -14.30 -29.20
N THR E 69 -14.67 -14.24 -28.64
CA THR E 69 -15.76 -13.50 -29.25
C THR E 69 -16.69 -13.00 -28.14
N ILE E 70 -16.69 -11.68 -27.94
CA ILE E 70 -17.60 -11.01 -27.03
C ILE E 70 -18.77 -10.47 -27.82
N THR E 71 -19.96 -10.55 -27.23
CA THR E 71 -21.20 -10.12 -27.90
C THR E 71 -22.08 -9.35 -26.92
N ALA E 72 -22.85 -8.39 -27.45
CA ALA E 72 -23.66 -7.50 -26.63
C ALA E 72 -25.13 -7.65 -27.02
N ASP E 73 -25.94 -8.16 -26.10
CA ASP E 73 -27.39 -8.26 -26.27
C ASP E 73 -28.06 -7.05 -25.61
N ASN E 74 -28.35 -6.03 -26.41
CA ASN E 74 -28.95 -4.80 -25.88
C ASN E 74 -30.25 -5.04 -25.09
N PRO E 75 -31.24 -5.81 -25.61
CA PRO E 75 -32.49 -6.01 -24.86
C PRO E 75 -32.32 -6.77 -23.55
N THR E 76 -31.80 -8.01 -23.61
CA THR E 76 -31.63 -8.75 -22.36
C THR E 76 -30.51 -8.20 -21.50
N SER E 77 -29.77 -7.21 -22.01
CA SER E 77 -28.82 -6.43 -21.21
C SER E 77 -27.72 -7.32 -20.63
N THR E 78 -27.31 -8.35 -21.37
CA THR E 78 -26.22 -9.23 -20.97
C THR E 78 -25.09 -9.23 -22.00
N SER E 79 -23.93 -9.69 -21.55
CA SER E 79 -22.71 -9.74 -22.36
C SER E 79 -22.19 -11.16 -22.29
N TYR E 80 -22.00 -11.78 -23.47
CA TYR E 80 -21.54 -13.15 -23.57
C TYR E 80 -20.07 -13.14 -23.96
N LEU E 81 -19.26 -13.96 -23.26
CA LEU E 81 -17.83 -14.11 -23.54
C LEU E 81 -17.60 -15.53 -24.00
N GLU E 82 -17.13 -15.69 -25.23
CA GLU E 82 -16.90 -17.02 -25.80
C GLU E 82 -15.42 -17.19 -26.10
N LEU E 83 -14.78 -18.11 -25.40
CA LEU E 83 -13.37 -18.42 -25.60
C LEU E 83 -13.25 -19.87 -26.06
N ARG E 84 -12.64 -20.07 -27.23
CA ARG E 84 -12.54 -21.36 -27.90
C ARG E 84 -11.10 -21.83 -27.97
N SER E 85 -10.93 -23.04 -28.52
CA SER E 85 -9.64 -23.72 -28.59
C SER E 85 -8.95 -23.75 -27.25
N LEU E 86 -9.74 -23.96 -26.19
CA LEU E 86 -9.22 -23.89 -24.83
C LEU E 86 -7.96 -24.72 -24.67
N ARG E 87 -6.97 -24.16 -23.99
CA ARG E 87 -5.76 -24.88 -23.63
C ARG E 87 -5.83 -25.18 -22.14
N SER E 88 -4.79 -25.81 -21.60
CA SER E 88 -4.84 -26.21 -20.21
C SER E 88 -4.54 -25.04 -19.29
N GLU E 89 -3.68 -24.14 -19.74
CA GLU E 89 -3.28 -22.94 -19.04
C GLU E 89 -4.38 -21.88 -18.99
N ASP E 90 -5.46 -22.04 -19.75
CA ASP E 90 -6.58 -21.10 -19.73
C ASP E 90 -7.45 -21.24 -18.49
N THR E 91 -7.03 -22.04 -17.51
CA THR E 91 -7.79 -22.20 -16.27
C THR E 91 -7.76 -20.90 -15.51
N ALA E 92 -8.90 -20.25 -15.37
CA ALA E 92 -8.87 -18.95 -14.72
C ALA E 92 -10.26 -18.56 -14.25
N VAL E 93 -10.30 -17.48 -13.49
CA VAL E 93 -11.56 -16.81 -13.20
C VAL E 93 -11.73 -15.70 -14.22
N TYR E 94 -12.91 -15.64 -14.83
CA TYR E 94 -13.19 -14.71 -15.91
C TYR E 94 -14.14 -13.67 -15.37
N TYR E 95 -13.64 -12.44 -15.18
CA TYR E 95 -14.42 -11.34 -14.65
C TYR E 95 -14.97 -10.48 -15.78
N CYS E 96 -16.17 -9.95 -15.55
CA CYS E 96 -16.71 -8.87 -16.36
C CYS E 96 -16.80 -7.64 -15.48
N ALA E 97 -16.63 -6.50 -16.11
CA ALA E 97 -16.72 -5.23 -15.41
C ALA E 97 -17.01 -4.20 -16.47
N THR E 98 -17.67 -3.12 -16.07
CA THR E 98 -18.08 -2.13 -17.05
C THR E 98 -16.99 -1.10 -17.27
N LEU E 99 -16.65 -0.85 -18.52
CA LEU E 99 -15.60 0.11 -18.80
C LEU E 99 -16.15 1.52 -18.71
N HIS E 100 -15.50 2.34 -17.90
CA HIS E 100 -15.80 3.76 -17.91
C HIS E 100 -14.76 4.43 -18.80
N PRO E 101 -15.11 4.85 -20.02
CA PRO E 101 -14.07 5.35 -20.94
C PRO E 101 -13.46 6.63 -20.44
N ARG E 102 -12.13 6.68 -20.44
CA ARG E 102 -11.44 7.93 -20.17
C ARG E 102 -10.59 8.38 -21.33
N LEU E 103 -10.01 7.44 -22.06
CA LEU E 103 -9.21 7.72 -23.24
C LEU E 103 -9.63 6.77 -24.32
N CYS E 104 -9.96 7.32 -25.47
CA CYS E 104 -10.39 6.54 -26.60
C CYS E 104 -9.59 7.10 -27.75
N ARG E 105 -8.55 6.39 -28.18
CA ARG E 105 -7.72 6.84 -29.29
C ARG E 105 -7.55 5.63 -30.17
N GLY E 106 -8.41 5.45 -31.15
CA GLY E 106 -8.18 4.44 -32.15
C GLY E 106 -9.29 3.43 -32.29
N GLY E 107 -10.53 3.87 -32.13
CA GLY E 107 -11.61 2.91 -32.17
C GLY E 107 -11.62 1.98 -30.98
N THR E 108 -10.63 2.06 -30.08
CA THR E 108 -10.60 1.29 -28.85
C THR E 108 -10.50 2.26 -27.68
N CYS E 109 -11.24 2.00 -26.59
CA CYS E 109 -11.28 2.86 -25.41
C CYS E 109 -10.61 2.22 -24.21
N TRP E 110 -9.96 3.07 -23.42
CA TRP E 110 -9.27 2.69 -22.19
C TRP E 110 -9.90 3.46 -21.03
N GLY E 111 -9.99 2.83 -19.86
CA GLY E 111 -10.66 3.48 -18.75
C GLY E 111 -10.52 2.71 -17.46
N TRP E 112 -11.49 2.84 -16.57
CA TRP E 112 -11.50 2.11 -15.32
C TRP E 112 -12.74 1.25 -15.28
N PHE E 113 -12.78 0.27 -14.38
CA PHE E 113 -13.83 -0.71 -14.47
C PHE E 113 -14.89 -0.54 -13.39
N ASP E 114 -14.58 -0.66 -12.11
CA ASP E 114 -15.54 -0.32 -11.04
C ASP E 114 -16.76 -1.23 -10.79
N PRO E 115 -17.84 -1.32 -11.59
CA PRO E 115 -18.76 -2.42 -11.27
C PRO E 115 -18.10 -3.68 -11.76
N TRP E 116 -17.90 -4.64 -10.86
CA TRP E 116 -17.12 -5.82 -11.16
C TRP E 116 -17.98 -7.06 -10.92
N GLY E 117 -17.96 -7.98 -11.86
CA GLY E 117 -18.74 -9.20 -11.73
C GLY E 117 -18.24 -10.06 -10.59
N GLN E 118 -19.03 -11.06 -10.22
CA GLN E 118 -18.61 -11.91 -9.12
C GLN E 118 -17.52 -12.88 -9.54
N GLY E 119 -17.37 -13.13 -10.84
CA GLY E 119 -16.33 -14.00 -11.36
C GLY E 119 -16.76 -15.45 -11.43
N THR E 120 -16.59 -16.09 -12.60
CA THR E 120 -16.86 -17.51 -12.78
C THR E 120 -15.58 -18.26 -13.12
N LEU E 121 -15.45 -19.47 -12.57
CA LEU E 121 -14.22 -20.23 -12.69
C LEU E 121 -14.33 -21.27 -13.81
N VAL E 122 -13.39 -21.22 -14.75
CA VAL E 122 -13.33 -22.17 -15.86
C VAL E 122 -12.10 -23.03 -15.65
N THR E 123 -12.28 -24.24 -15.12
CA THR E 123 -11.19 -25.20 -14.99
C THR E 123 -11.13 -26.03 -16.26
N VAL E 124 -9.97 -26.10 -16.90
CA VAL E 124 -9.82 -26.86 -18.13
C VAL E 124 -8.80 -27.97 -17.90
N SER E 125 -9.27 -29.21 -17.88
CA SER E 125 -8.37 -30.33 -17.67
C SER E 125 -8.72 -31.50 -18.58
N SER E 126 -7.70 -32.30 -18.87
CA SER E 126 -7.89 -33.59 -19.50
C SER E 126 -8.33 -34.64 -18.50
N ALA E 127 -8.53 -34.25 -17.25
CA ALA E 127 -8.81 -35.20 -16.19
C ALA E 127 -10.31 -35.41 -16.07
N SER E 128 -10.68 -36.43 -15.32
CA SER E 128 -12.08 -36.77 -15.15
C SER E 128 -12.38 -36.93 -13.68
N THR E 129 -13.66 -36.77 -13.36
CA THR E 129 -14.12 -36.71 -11.97
C THR E 129 -13.64 -37.92 -11.17
N LYS E 130 -13.15 -37.67 -9.96
CA LYS E 130 -12.72 -38.75 -9.08
C LYS E 130 -12.87 -38.31 -7.63
N GLY E 131 -13.25 -39.26 -6.78
CA GLY E 131 -13.38 -39.00 -5.36
C GLY E 131 -12.05 -39.15 -4.64
N PRO E 132 -11.91 -38.51 -3.50
CA PRO E 132 -10.61 -38.48 -2.81
C PRO E 132 -10.32 -39.75 -2.03
N SER E 133 -9.03 -39.94 -1.71
CA SER E 133 -8.55 -41.03 -0.88
C SER E 133 -7.96 -40.45 0.40
N VAL E 134 -8.34 -41.01 1.55
CA VAL E 134 -7.97 -40.48 2.85
C VAL E 134 -6.90 -41.36 3.50
N PHE E 135 -5.81 -40.74 3.94
CA PHE E 135 -4.69 -41.44 4.56
C PHE E 135 -4.36 -40.72 5.87
N PRO E 136 -4.92 -41.17 6.98
CA PRO E 136 -4.70 -40.49 8.26
C PRO E 136 -3.30 -40.71 8.82
N LEU E 137 -2.91 -39.79 9.72
CA LEU E 137 -1.60 -39.80 10.37
C LEU E 137 -1.72 -39.81 11.89
N GLY E 152 -3.10 -36.29 11.67
CA GLY E 152 -3.82 -35.58 10.62
C GLY E 152 -4.39 -36.51 9.56
N CYS E 153 -4.99 -35.92 8.52
CA CYS E 153 -5.57 -36.67 7.42
C CYS E 153 -5.03 -36.14 6.10
N LEU E 154 -4.89 -37.04 5.12
CA LEU E 154 -4.43 -36.72 3.78
C LEU E 154 -5.55 -36.97 2.78
N VAL E 155 -5.97 -35.93 2.09
CA VAL E 155 -6.97 -36.04 1.02
C VAL E 155 -6.18 -36.04 -0.29
N LYS E 156 -6.05 -37.22 -0.90
CA LYS E 156 -5.12 -37.45 -1.99
C LYS E 156 -5.85 -37.88 -3.26
N ASP E 157 -5.38 -37.34 -4.39
CA ASP E 157 -5.82 -37.71 -5.73
C ASP E 157 -7.35 -37.66 -5.87
N TYR E 158 -7.84 -36.48 -6.22
CA TYR E 158 -9.26 -36.24 -6.43
C TYR E 158 -9.42 -35.24 -7.57
N PHE E 159 -10.65 -35.11 -8.06
CA PHE E 159 -10.95 -34.12 -9.09
C PHE E 159 -12.44 -33.86 -9.11
N PRO E 160 -12.91 -32.64 -9.36
CA PRO E 160 -12.16 -31.39 -9.46
C PRO E 160 -12.00 -30.68 -8.11
N GLU E 161 -11.70 -29.38 -8.16
CA GLU E 161 -11.11 -28.70 -6.96
C GLU E 161 -11.95 -28.77 -5.71
N PRO E 162 -13.21 -28.36 -5.63
CA PRO E 162 -13.83 -28.08 -4.34
C PRO E 162 -13.95 -29.32 -3.45
N VAL E 163 -13.21 -29.33 -2.34
CA VAL E 163 -13.33 -30.38 -1.32
C VAL E 163 -13.14 -29.75 0.06
N THR E 164 -14.01 -30.11 1.01
CA THR E 164 -13.96 -29.59 2.37
C THR E 164 -13.46 -30.65 3.34
N VAL E 165 -12.78 -30.19 4.39
CA VAL E 165 -12.32 -31.05 5.47
C VAL E 165 -12.82 -30.45 6.77
N SER E 166 -13.51 -31.26 7.56
CA SER E 166 -13.94 -30.90 8.89
C SER E 166 -13.33 -31.87 9.88
N TRP E 167 -13.26 -31.44 11.15
CA TRP E 167 -12.73 -32.28 12.21
C TRP E 167 -13.83 -32.40 13.25
N ASN E 168 -14.24 -33.64 13.53
CA ASN E 168 -15.31 -33.96 14.48
C ASN E 168 -16.64 -33.31 14.11
N SER E 169 -16.93 -33.18 12.81
CA SER E 169 -18.22 -32.65 12.33
C SER E 169 -18.54 -31.27 12.90
N GLY E 170 -17.50 -30.49 13.20
CA GLY E 170 -17.66 -29.14 13.72
C GLY E 170 -17.02 -28.92 15.07
N ALA E 171 -16.75 -29.98 15.82
CA ALA E 171 -16.08 -29.84 17.11
C ALA E 171 -14.60 -29.53 16.86
N LEU E 172 -13.83 -29.44 17.93
CA LEU E 172 -12.47 -28.90 17.87
C LEU E 172 -12.41 -27.58 17.13
N THR E 173 -12.17 -27.63 15.81
CA THR E 173 -12.00 -26.47 14.92
C THR E 173 -11.20 -25.37 15.60
N SER E 174 -10.22 -25.76 16.41
CA SER E 174 -9.37 -24.85 17.18
C SER E 174 -7.95 -25.30 16.89
N GLY E 175 -7.25 -24.52 16.07
CA GLY E 175 -5.97 -24.95 15.56
C GLY E 175 -6.06 -25.72 14.26
N VAL E 176 -7.26 -25.84 13.67
CA VAL E 176 -7.39 -26.53 12.39
C VAL E 176 -6.63 -25.77 11.32
N HIS E 177 -5.97 -26.52 10.43
CA HIS E 177 -5.18 -25.95 9.34
C HIS E 177 -5.41 -26.80 8.09
N THR E 178 -6.41 -26.43 7.29
CA THR E 178 -6.72 -27.15 6.06
C THR E 178 -6.08 -26.42 4.89
N PHE E 179 -5.13 -27.08 4.23
CA PHE E 179 -4.23 -26.44 3.28
C PHE E 179 -4.88 -26.26 1.92
N PRO E 180 -4.32 -25.39 1.08
CA PRO E 180 -4.81 -25.29 -0.30
C PRO E 180 -4.32 -26.47 -1.10
N ALA E 181 -5.19 -26.96 -1.98
CA ALA E 181 -4.85 -28.15 -2.75
C ALA E 181 -3.69 -27.84 -3.69
N VAL E 182 -2.94 -28.88 -4.02
CA VAL E 182 -1.88 -28.77 -5.01
C VAL E 182 -2.22 -29.72 -6.16
N LEU E 183 -1.81 -29.33 -7.34
CA LEU E 183 -2.13 -30.07 -8.55
C LEU E 183 -0.93 -30.93 -8.92
N GLN E 184 -1.11 -32.24 -8.87
CA GLN E 184 -0.01 -33.15 -9.07
C GLN E 184 0.17 -33.36 -10.56
N SER E 185 1.36 -33.83 -10.95
CA SER E 185 1.64 -33.96 -12.37
C SER E 185 0.58 -34.81 -13.05
N SER E 186 -0.01 -35.73 -12.29
CA SER E 186 -1.13 -36.56 -12.70
C SER E 186 -2.47 -35.83 -12.60
N GLY E 187 -2.60 -34.75 -13.35
CA GLY E 187 -3.84 -33.98 -13.45
C GLY E 187 -4.78 -33.81 -12.24
N LEU E 188 -4.54 -34.51 -11.14
CA LEU E 188 -5.42 -34.49 -9.97
C LEU E 188 -4.86 -33.62 -8.85
N TYR E 189 -5.73 -33.38 -7.86
CA TYR E 189 -5.41 -32.50 -6.73
C TYR E 189 -5.17 -33.33 -5.48
N SER E 190 -4.35 -32.77 -4.59
CA SER E 190 -4.06 -33.38 -3.30
C SER E 190 -3.83 -32.27 -2.29
N LEU E 191 -4.53 -32.34 -1.15
CA LEU E 191 -4.30 -31.42 -0.04
C LEU E 191 -4.25 -32.21 1.26
N SER E 192 -3.77 -31.54 2.31
CA SER E 192 -3.67 -32.15 3.63
C SER E 192 -4.24 -31.19 4.66
N SER E 193 -4.97 -31.72 5.64
CA SER E 193 -5.58 -30.91 6.70
C SER E 193 -5.21 -31.47 8.07
N VAL E 194 -4.76 -30.59 8.96
CA VAL E 194 -4.27 -30.97 10.29
C VAL E 194 -4.93 -30.09 11.37
N VAL E 195 -4.75 -30.53 12.61
CA VAL E 195 -5.15 -29.78 13.81
C VAL E 195 -4.10 -30.07 14.88
N THR E 196 -3.92 -29.12 15.79
CA THR E 196 -2.84 -29.20 16.78
C THR E 196 -3.36 -29.76 18.10
N VAL E 197 -2.63 -30.75 18.63
CA VAL E 197 -2.95 -31.41 19.90
C VAL E 197 -1.65 -31.73 20.63
N PRO E 198 -1.18 -30.86 21.56
CA PRO E 198 0.10 -31.13 22.24
C PRO E 198 -0.06 -32.13 23.37
N SER E 199 -1.14 -31.99 24.14
CA SER E 199 -1.39 -32.84 25.29
C SER E 199 -2.00 -34.16 24.85
N SER E 200 -1.80 -35.19 25.67
CA SER E 200 -2.41 -36.50 25.42
C SER E 200 -3.80 -36.65 26.02
N SER E 201 -4.38 -35.57 26.55
CA SER E 201 -5.74 -35.66 27.07
C SER E 201 -6.77 -35.59 25.94
N LEU E 202 -6.41 -34.98 24.82
CA LEU E 202 -7.12 -35.22 23.57
C LEU E 202 -6.75 -36.57 22.97
N GLY E 203 -5.63 -37.16 23.42
CA GLY E 203 -5.21 -38.45 22.90
C GLY E 203 -6.04 -39.61 23.42
N THR E 204 -6.65 -39.45 24.60
CA THR E 204 -7.62 -40.44 25.08
C THR E 204 -8.86 -40.42 24.18
N GLN E 205 -9.32 -39.22 23.82
CA GLN E 205 -10.43 -39.08 22.88
C GLN E 205 -9.96 -39.45 21.47
N THR E 206 -10.84 -40.11 20.72
CA THR E 206 -10.56 -40.44 19.32
C THR E 206 -11.00 -39.29 18.42
N TYR E 207 -10.14 -38.94 17.47
CA TYR E 207 -10.36 -37.81 16.59
C TYR E 207 -10.63 -38.29 15.16
N ILE E 208 -11.66 -37.70 14.55
CA ILE E 208 -12.21 -38.13 13.27
C ILE E 208 -12.24 -36.92 12.33
N CYS E 209 -11.78 -37.11 11.10
CA CYS E 209 -11.83 -36.07 10.09
C CYS E 209 -12.87 -36.43 9.03
N ASN E 210 -13.57 -35.42 8.55
CA ASN E 210 -14.71 -35.58 7.65
C ASN E 210 -14.44 -34.82 6.36
N VAL E 211 -14.60 -35.50 5.23
CA VAL E 211 -14.24 -34.97 3.91
C VAL E 211 -15.45 -35.08 2.99
N ASN E 212 -15.82 -33.99 2.33
CA ASN E 212 -16.98 -33.97 1.43
C ASN E 212 -16.54 -33.50 0.05
N HIS E 213 -16.71 -34.36 -0.94
CA HIS E 213 -16.41 -34.04 -2.34
C HIS E 213 -17.74 -34.07 -3.10
N LYS E 214 -18.39 -32.91 -3.16
CA LYS E 214 -19.72 -32.84 -3.76
C LYS E 214 -19.77 -33.17 -5.25
N PRO E 215 -18.82 -32.75 -6.09
CA PRO E 215 -18.91 -33.12 -7.52
C PRO E 215 -18.95 -34.60 -7.78
N SER E 216 -18.51 -35.44 -6.84
CA SER E 216 -18.49 -36.89 -7.03
C SER E 216 -19.36 -37.63 -6.03
N ASN E 217 -20.05 -36.92 -5.15
CA ASN E 217 -20.98 -37.49 -4.16
C ASN E 217 -20.30 -38.52 -3.26
N THR E 218 -19.01 -38.35 -2.97
CA THR E 218 -18.24 -39.29 -2.15
C THR E 218 -17.69 -38.60 -0.92
N LYS E 219 -18.07 -39.06 0.28
CA LYS E 219 -17.59 -38.46 1.53
C LYS E 219 -17.16 -39.53 2.53
N VAL E 220 -15.89 -39.46 2.96
CA VAL E 220 -15.24 -40.45 3.82
C VAL E 220 -14.98 -39.87 5.21
N ASP E 221 -15.07 -40.74 6.22
CA ASP E 221 -14.68 -40.42 7.59
C ASP E 221 -13.70 -41.49 8.06
N LYS E 222 -12.56 -41.07 8.62
CA LYS E 222 -11.54 -42.02 9.05
C LYS E 222 -10.94 -41.61 10.39
N ARG E 223 -10.78 -42.60 11.27
CA ARG E 223 -10.27 -42.42 12.61
C ARG E 223 -8.74 -42.45 12.59
N VAL E 224 -8.13 -41.81 13.60
CA VAL E 224 -6.70 -41.58 13.62
C VAL E 224 -6.09 -42.21 14.86
N GLU E 225 -5.10 -43.07 14.66
CA GLU E 225 -4.36 -43.69 15.75
C GLU E 225 -2.86 -43.69 15.48
N SER F 9 7.13 -8.36 -4.89
CA SER F 9 5.90 -7.58 -4.72
C SER F 9 5.09 -8.12 -3.56
N SER F 10 5.67 -7.97 -2.38
CA SER F 10 5.09 -8.44 -1.12
C SER F 10 5.66 -7.53 -0.06
N LEU F 11 4.79 -7.00 0.78
CA LEU F 11 5.14 -5.99 1.77
C LEU F 11 4.60 -6.39 3.13
N SER F 12 5.47 -6.37 4.12
CA SER F 12 5.09 -6.72 5.46
C SER F 12 5.00 -5.39 6.20
N ALA F 13 3.83 -5.13 6.79
CA ALA F 13 3.54 -3.85 7.40
C ALA F 13 2.72 -4.11 8.64
N SER F 14 2.64 -3.08 9.49
CA SER F 14 1.95 -3.18 10.76
C SER F 14 0.74 -2.25 10.75
N VAL F 15 -0.18 -2.48 11.67
CA VAL F 15 -1.37 -1.63 11.77
C VAL F 15 -0.92 -0.22 12.15
N GLY F 16 -1.28 0.76 11.33
CA GLY F 16 -0.95 2.14 11.61
C GLY F 16 0.24 2.67 10.87
N ASP F 17 0.98 1.81 10.17
CA ASP F 17 2.09 2.25 9.36
C ASP F 17 1.61 3.04 8.15
N ARG F 18 2.56 3.58 7.39
CA ARG F 18 2.26 4.35 6.20
C ARG F 18 2.95 3.65 5.04
N VAL F 19 2.18 3.18 4.08
CA VAL F 19 2.72 2.46 2.92
C VAL F 19 2.38 3.24 1.66
N THR F 20 3.34 3.33 0.75
CA THR F 20 3.06 3.97 -0.52
C THR F 20 3.69 3.13 -1.63
N ILE F 21 2.88 2.85 -2.64
CA ILE F 21 3.18 1.89 -3.69
C ILE F 21 3.31 2.62 -5.02
N THR F 22 4.47 2.48 -5.65
CA THR F 22 4.75 3.08 -6.94
C THR F 22 4.68 2.09 -8.09
N CYS F 23 4.29 2.62 -9.24
CA CYS F 23 4.01 1.80 -10.41
C CYS F 23 4.54 2.62 -11.59
N ARG F 24 5.76 2.31 -12.00
CA ARG F 24 6.40 3.07 -13.08
C ARG F 24 5.86 2.60 -14.43
N ALA F 25 5.98 3.48 -15.43
CA ALA F 25 5.46 3.19 -16.76
C ALA F 25 6.55 3.46 -17.79
N GLY F 26 6.31 2.94 -18.99
CA GLY F 26 7.34 2.99 -20.01
C GLY F 26 7.34 4.30 -20.75
N GLN F 27 6.19 4.69 -21.27
CA GLN F 27 6.06 6.00 -21.90
C GLN F 27 5.34 6.94 -20.95
N ASN F 28 5.15 8.19 -21.39
CA ASN F 28 4.47 9.17 -20.55
C ASN F 28 2.99 9.08 -20.85
N ILE F 29 2.27 8.48 -19.91
CA ILE F 29 0.82 8.29 -19.92
C ILE F 29 0.23 9.23 -18.88
N ASN F 30 0.19 10.54 -19.18
CA ASN F 30 0.16 11.58 -18.15
C ASN F 30 -0.65 11.23 -16.92
N ASN F 31 -1.97 11.20 -17.02
CA ASN F 31 -2.83 10.95 -15.87
C ASN F 31 -3.80 9.80 -16.10
N TYR F 32 -3.31 8.70 -16.71
CA TYR F 32 -4.15 7.58 -17.13
C TYR F 32 -3.79 6.26 -16.44
N LEU F 33 -3.50 6.28 -15.15
CA LEU F 33 -3.28 5.06 -14.38
C LEU F 33 -4.36 4.93 -13.32
N ASN F 34 -4.85 3.71 -13.08
CA ASN F 34 -5.91 3.46 -12.10
C ASN F 34 -5.40 2.45 -11.08
N TRP F 35 -5.99 2.45 -9.90
CA TRP F 35 -5.59 1.55 -8.83
C TRP F 35 -6.78 0.70 -8.39
N TYR F 36 -6.55 -0.60 -8.17
CA TYR F 36 -7.60 -1.51 -7.77
C TYR F 36 -7.20 -2.24 -6.51
N GLN F 37 -8.18 -2.71 -5.76
CA GLN F 37 -7.91 -3.52 -4.60
C GLN F 37 -8.67 -4.84 -4.71
N GLN F 38 -8.03 -5.94 -4.35
CA GLN F 38 -8.69 -7.23 -4.40
C GLN F 38 -8.40 -8.01 -3.13
N LYS F 39 -9.47 -8.44 -2.42
CA LYS F 39 -9.32 -9.31 -1.27
C LYS F 39 -9.56 -10.76 -1.66
N PRO F 40 -8.85 -11.70 -1.02
CA PRO F 40 -8.86 -13.10 -1.48
C PRO F 40 -10.26 -13.71 -1.48
N GLY F 41 -10.63 -14.28 -2.62
CA GLY F 41 -11.93 -14.88 -2.76
C GLY F 41 -12.97 -13.95 -3.30
N LYS F 42 -12.57 -12.72 -3.63
CA LYS F 42 -13.51 -11.70 -4.08
C LYS F 42 -12.89 -10.98 -5.26
N ALA F 43 -13.73 -10.27 -5.98
CA ALA F 43 -13.31 -9.57 -7.18
C ALA F 43 -12.61 -8.25 -6.87
N PRO F 44 -11.92 -7.66 -7.84
CA PRO F 44 -11.29 -6.37 -7.62
C PRO F 44 -12.30 -5.24 -7.43
N LYS F 45 -11.84 -4.18 -6.72
CA LYS F 45 -12.58 -2.95 -6.46
C LYS F 45 -11.71 -1.77 -6.84
N VAL F 46 -12.29 -0.74 -7.48
CA VAL F 46 -11.50 0.45 -7.80
C VAL F 46 -11.30 1.32 -6.55
N LEU F 47 -10.07 1.80 -6.36
CA LEU F 47 -9.72 2.71 -5.27
C LEU F 47 -9.51 4.12 -5.79
N ILE F 48 -8.60 4.31 -6.73
CA ILE F 48 -8.36 5.58 -7.37
C ILE F 48 -8.43 5.35 -8.88
N TYR F 49 -8.95 6.32 -9.61
CA TYR F 49 -8.87 6.29 -11.06
C TYR F 49 -8.36 7.63 -11.54
N ALA F 50 -7.96 7.70 -12.81
CA ALA F 50 -7.43 8.94 -13.38
C ALA F 50 -6.24 9.46 -12.59
N ALA F 51 -5.42 8.52 -12.10
CA ALA F 51 -4.18 8.72 -11.36
C ALA F 51 -4.40 9.15 -9.92
N SER F 52 -5.32 10.12 -9.72
CA SER F 52 -5.50 10.80 -8.44
C SER F 52 -6.94 10.97 -7.96
N ASN F 53 -7.94 10.47 -8.69
CA ASN F 53 -9.35 10.66 -8.37
C ASN F 53 -9.81 9.56 -7.42
N LEU F 54 -9.87 9.86 -6.14
CA LEU F 54 -10.43 8.89 -5.21
C LEU F 54 -11.88 8.59 -5.59
N GLN F 55 -12.20 7.32 -5.69
CA GLN F 55 -13.54 6.89 -6.08
C GLN F 55 -14.48 6.83 -4.88
N SER F 56 -15.76 7.07 -5.14
CA SER F 56 -16.75 7.31 -4.09
C SER F 56 -16.89 6.11 -3.16
N GLY F 57 -16.75 6.36 -1.88
CA GLY F 57 -16.86 5.30 -0.91
C GLY F 57 -15.53 4.87 -0.33
N VAL F 58 -14.43 5.30 -0.93
CA VAL F 58 -13.12 4.86 -0.49
C VAL F 58 -12.62 5.88 0.52
N PRO F 59 -12.03 5.45 1.63
CA PRO F 59 -11.65 6.40 2.69
C PRO F 59 -10.65 7.43 2.19
N SER F 60 -10.50 8.52 2.97
CA SER F 60 -9.53 9.57 2.63
C SER F 60 -8.13 9.15 3.02
N ARG F 61 -8.02 8.05 3.76
CA ARG F 61 -6.75 7.41 4.03
C ARG F 61 -6.08 6.92 2.73
N PHE F 62 -6.86 6.64 1.70
CA PHE F 62 -6.30 6.30 0.41
C PHE F 62 -6.08 7.57 -0.40
N SER F 63 -4.93 7.67 -1.03
CA SER F 63 -4.56 8.88 -1.75
C SER F 63 -3.64 8.49 -2.89
N GLY F 64 -4.05 8.77 -4.12
CA GLY F 64 -3.22 8.51 -5.27
C GLY F 64 -2.63 9.78 -5.85
N SER F 65 -1.35 9.72 -6.22
CA SER F 65 -0.66 10.85 -6.81
C SER F 65 0.25 10.35 -7.91
N GLY F 66 0.49 11.19 -8.90
CA GLY F 66 1.42 10.85 -9.97
C GLY F 66 1.03 11.52 -11.27
N SER F 67 2.03 11.72 -12.14
CA SER F 67 1.77 12.25 -13.47
C SER F 67 2.93 11.92 -14.39
N GLY F 68 2.61 11.29 -15.52
CA GLY F 68 3.56 10.97 -16.56
C GLY F 68 4.15 9.57 -16.58
N THR F 69 5.09 9.29 -15.69
CA THR F 69 5.78 8.00 -15.74
C THR F 69 5.75 7.32 -14.39
N ASP F 70 6.08 8.06 -13.33
CA ASP F 70 6.06 7.52 -11.97
C ASP F 70 4.71 7.83 -11.33
N PHE F 71 4.04 6.79 -10.84
CA PHE F 71 2.72 6.93 -10.21
C PHE F 71 2.76 6.27 -8.84
N THR F 72 2.14 6.91 -7.85
CA THR F 72 2.14 6.43 -6.47
C THR F 72 0.72 6.13 -6.00
N LEU F 73 0.63 5.31 -4.96
CA LEU F 73 -0.61 5.02 -4.25
C LEU F 73 -0.26 4.95 -2.79
N THR F 74 -0.83 5.82 -1.98
CA THR F 74 -0.39 5.97 -0.60
C THR F 74 -1.54 5.63 0.34
N ILE F 75 -1.20 5.01 1.48
CA ILE F 75 -2.13 4.83 2.59
C ILE F 75 -1.53 5.56 3.79
N SER F 76 -2.25 6.54 4.31
CA SER F 76 -1.69 7.37 5.36
C SER F 76 -1.51 6.58 6.66
N SER F 77 -2.49 5.76 7.01
CA SER F 77 -2.38 4.94 8.21
C SER F 77 -3.07 3.61 7.97
N LEU F 78 -2.33 2.51 8.11
CA LEU F 78 -2.89 1.23 7.74
C LEU F 78 -3.88 0.76 8.80
N GLN F 79 -5.03 0.29 8.34
CA GLN F 79 -6.09 -0.22 9.19
C GLN F 79 -6.24 -1.72 8.95
N PRO F 80 -6.90 -2.45 9.84
CA PRO F 80 -7.01 -3.91 9.66
C PRO F 80 -7.61 -4.30 8.32
N GLU F 81 -8.55 -3.52 7.80
CA GLU F 81 -9.26 -3.81 6.57
C GLU F 81 -8.50 -3.34 5.33
N ASP F 82 -7.19 -3.18 5.45
CA ASP F 82 -6.34 -2.74 4.36
C ASP F 82 -5.42 -3.83 3.82
N PHE F 83 -5.38 -4.98 4.46
CA PHE F 83 -4.38 -6.00 4.16
C PHE F 83 -4.90 -6.84 3.00
N ALA F 84 -4.58 -6.41 1.79
CA ALA F 84 -5.01 -7.10 0.61
C ALA F 84 -3.99 -6.83 -0.48
N THR F 85 -4.32 -7.22 -1.71
CA THR F 85 -3.43 -7.01 -2.82
C THR F 85 -3.92 -5.82 -3.64
N TYR F 86 -2.96 -5.05 -4.17
CA TYR F 86 -3.20 -3.79 -4.85
C TYR F 86 -2.60 -3.88 -6.25
N TYR F 87 -3.43 -3.70 -7.26
CA TYR F 87 -2.98 -3.65 -8.64
C TYR F 87 -3.07 -2.23 -9.17
N CYS F 88 -2.09 -1.84 -9.97
CA CYS F 88 -2.16 -0.62 -10.74
C CYS F 88 -2.48 -0.97 -12.18
N GLN F 89 -3.32 -0.18 -12.80
CA GLN F 89 -3.73 -0.43 -14.17
C GLN F 89 -3.22 0.70 -15.04
N GLN F 90 -2.25 0.37 -15.88
CA GLN F 90 -1.84 1.28 -16.92
C GLN F 90 -2.87 1.17 -18.03
N SER F 91 -3.13 2.27 -18.70
CA SER F 91 -4.04 2.19 -19.84
C SER F 91 -3.95 3.45 -20.67
N HIS F 92 -3.15 3.42 -21.73
CA HIS F 92 -3.01 4.56 -22.60
C HIS F 92 -3.16 4.08 -24.04
N SER F 93 -3.05 5.02 -24.98
CA SER F 93 -2.98 4.60 -26.38
C SER F 93 -1.78 3.69 -26.64
N THR F 94 -0.82 3.68 -25.71
CA THR F 94 0.44 2.95 -25.80
C THR F 94 0.41 1.64 -25.04
N VAL F 95 -0.15 1.63 -23.83
CA VAL F 95 -0.18 0.46 -22.96
C VAL F 95 -1.62 0.16 -22.59
N ARG F 96 -1.90 -1.11 -22.34
CA ARG F 96 -3.20 -1.57 -21.85
C ARG F 96 -2.87 -2.76 -20.93
N THR F 97 -2.17 -2.48 -19.83
CA THR F 97 -1.71 -3.57 -18.98
C THR F 97 -2.15 -3.37 -17.55
N PHE F 98 -2.16 -4.46 -16.79
CA PHE F 98 -2.37 -4.35 -15.36
C PHE F 98 -0.98 -4.50 -14.78
N GLY F 99 -0.84 -5.19 -13.66
CA GLY F 99 0.45 -5.31 -13.04
C GLY F 99 0.51 -6.58 -12.23
N GLN F 100 1.71 -6.90 -11.74
CA GLN F 100 1.87 -8.07 -10.90
C GLN F 100 1.10 -7.90 -9.60
N GLY F 101 0.98 -6.67 -9.11
CA GLY F 101 0.28 -6.45 -7.87
C GLY F 101 1.22 -6.53 -6.68
N THR F 102 0.82 -5.87 -5.60
CA THR F 102 1.60 -5.89 -4.37
C THR F 102 0.70 -6.34 -3.23
N LYS F 103 1.10 -7.39 -2.53
CA LYS F 103 0.29 -7.95 -1.48
C LYS F 103 0.86 -7.52 -0.14
N VAL F 104 0.04 -6.84 0.66
CA VAL F 104 0.46 -6.34 1.97
C VAL F 104 0.17 -7.40 3.03
N GLU F 105 1.22 -7.85 3.70
CA GLU F 105 1.05 -8.74 4.84
C GLU F 105 1.18 -7.96 6.13
N ILE F 106 0.58 -8.49 7.16
CA ILE F 106 0.66 -7.90 8.49
C ILE F 106 1.93 -8.39 9.15
N LYS F 107 2.73 -7.47 9.67
CA LYS F 107 4.01 -7.84 10.27
C LYS F 107 3.81 -8.34 11.69
N ARG F 108 4.64 -9.30 12.08
CA ARG F 108 4.66 -9.72 13.47
C ARG F 108 6.09 -10.10 13.83
N THR F 109 6.27 -10.61 15.04
CA THR F 109 7.59 -11.04 15.51
C THR F 109 7.83 -12.49 15.12
N VAL F 110 9.11 -12.84 14.96
CA VAL F 110 9.43 -14.18 14.47
C VAL F 110 8.92 -15.21 15.47
N ALA F 111 8.42 -16.32 14.94
CA ALA F 111 7.87 -17.41 15.72
C ALA F 111 8.64 -18.68 15.39
N ALA F 112 8.72 -19.58 16.36
CA ALA F 112 9.48 -20.79 16.09
C ALA F 112 8.64 -21.73 15.23
N PRO F 113 9.17 -22.21 14.09
CA PRO F 113 8.39 -23.16 13.30
C PRO F 113 8.45 -24.51 13.97
N SER F 114 7.34 -24.94 14.56
CA SER F 114 7.26 -26.26 15.17
C SER F 114 7.02 -27.30 14.10
N VAL F 115 7.95 -28.24 13.97
CA VAL F 115 7.99 -29.16 12.85
C VAL F 115 7.47 -30.53 13.23
N PHE F 116 7.03 -31.27 12.21
CA PHE F 116 6.50 -32.63 12.35
C PHE F 116 6.89 -33.44 11.13
N ILE F 117 7.10 -34.74 11.34
CA ILE F 117 7.36 -35.68 10.26
C ILE F 117 6.36 -36.81 10.38
N PHE F 118 5.81 -37.25 9.19
CA PHE F 118 4.76 -38.24 9.16
C PHE F 118 5.00 -39.30 8.09
N PRO F 119 5.47 -40.49 8.47
CA PRO F 119 5.62 -41.57 7.50
C PRO F 119 4.27 -41.98 6.92
N PRO F 120 4.25 -42.74 5.82
CA PRO F 120 2.98 -43.02 5.13
C PRO F 120 1.99 -43.79 5.99
N SER F 121 0.71 -43.55 5.72
CA SER F 121 -0.40 -44.26 6.34
C SER F 121 -0.45 -45.71 5.90
N ASP F 122 -1.16 -46.53 6.68
CA ASP F 122 -1.35 -47.94 6.34
C ASP F 122 -1.94 -48.11 4.93
N GLU F 123 -2.88 -47.24 4.55
CA GLU F 123 -3.53 -47.29 3.23
C GLU F 123 -2.58 -47.01 2.07
N GLN F 124 -1.33 -46.61 2.34
CA GLN F 124 -0.41 -46.25 1.27
C GLN F 124 -0.16 -47.41 0.32
N LEU F 125 -0.35 -48.65 0.77
CA LEU F 125 -0.09 -49.81 -0.05
C LEU F 125 -1.01 -49.86 -1.26
N LYS F 126 -2.16 -49.20 -1.19
CA LYS F 126 -3.13 -49.20 -2.27
C LYS F 126 -2.54 -48.47 -3.47
N SER F 127 -2.22 -49.23 -4.53
CA SER F 127 -1.58 -48.74 -5.73
C SER F 127 -0.39 -47.85 -5.41
N GLY F 128 0.41 -48.25 -4.41
CA GLY F 128 1.59 -47.51 -4.02
C GLY F 128 1.31 -46.06 -3.65
N ALA F 130 2.39 -44.23 -1.68
CA ALA F 130 3.25 -43.94 -0.54
C ALA F 130 3.53 -42.45 -0.48
N SER F 131 2.94 -41.77 0.50
CA SER F 131 3.06 -40.32 0.63
C SER F 131 3.53 -39.94 2.03
N VAL F 132 4.61 -39.16 2.11
CA VAL F 132 5.16 -38.66 3.38
C VAL F 132 5.02 -37.14 3.45
N VAL F 133 4.43 -36.64 4.53
CA VAL F 133 4.25 -35.20 4.71
C VAL F 133 5.18 -34.73 5.83
N CYS F 134 5.77 -33.56 5.62
CA CYS F 134 6.43 -32.81 6.66
C CYS F 134 5.60 -31.56 6.89
N LEU F 135 5.80 -30.93 8.05
CA LEU F 135 4.88 -29.86 8.43
C LEU F 135 5.57 -28.83 9.30
N LEU F 136 5.48 -27.58 8.87
CA LEU F 136 5.86 -26.42 9.64
C LEU F 136 4.54 -25.75 10.05
N ASN F 137 4.40 -25.42 11.33
CA ASN F 137 3.05 -25.18 11.87
C ASN F 137 2.72 -23.70 12.07
N ASN F 138 3.52 -22.98 12.84
CA ASN F 138 3.25 -21.57 13.14
C ASN F 138 4.57 -20.80 13.17
N PHE F 139 4.98 -20.30 12.02
CA PHE F 139 6.22 -19.56 11.92
C PHE F 139 5.97 -18.21 11.28
N TYR F 140 6.91 -17.28 11.50
CA TYR F 140 6.92 -16.02 10.80
C TYR F 140 8.38 -15.68 10.55
N PRO F 141 8.73 -15.15 9.36
CA PRO F 141 7.86 -14.93 8.20
C PRO F 141 7.60 -16.17 7.32
N ARG F 142 6.91 -15.95 6.20
CA ARG F 142 6.64 -17.02 5.25
C ARG F 142 7.93 -17.60 4.70
N GLU F 143 8.97 -16.78 4.60
CA GLU F 143 10.20 -17.16 3.91
C GLU F 143 10.85 -18.33 4.64
N ALA F 144 10.75 -19.52 4.06
CA ALA F 144 11.27 -20.73 4.68
C ALA F 144 11.65 -21.74 3.60
N LYS F 145 12.63 -22.58 3.91
CA LYS F 145 13.13 -23.59 3.00
C LYS F 145 12.97 -24.96 3.64
N VAL F 146 12.39 -25.92 2.88
CA VAL F 146 12.34 -27.31 3.30
C VAL F 146 13.38 -28.10 2.54
N GLN F 147 13.82 -29.22 3.13
CA GLN F 147 14.82 -30.10 2.53
C GLN F 147 14.63 -31.54 2.97
N TRP F 148 14.52 -32.46 2.02
CA TRP F 148 14.36 -33.87 2.38
C TRP F 148 15.68 -34.64 2.38
N ASN F 152 19.88 -40.87 2.25
CA ASN F 152 20.93 -40.39 1.36
C ASN F 152 20.61 -39.01 0.81
N ALA F 153 21.56 -38.45 0.05
CA ALA F 153 21.36 -37.20 -0.68
C ALA F 153 20.05 -37.17 -1.48
N GLN F 155 17.10 -34.09 -2.62
CA GLN F 155 15.93 -34.33 -3.46
C GLN F 155 15.39 -33.06 -4.13
N SER F 156 14.73 -33.21 -5.28
CA SER F 156 14.15 -32.10 -6.03
C SER F 156 13.05 -32.64 -6.94
N GLY F 157 12.25 -31.72 -7.47
CA GLY F 157 11.22 -32.03 -8.46
C GLY F 157 10.13 -33.00 -8.05
N ASN F 158 10.28 -33.67 -6.91
CA ASN F 158 9.26 -34.54 -6.34
C ASN F 158 8.52 -33.89 -5.19
N SER F 159 9.09 -32.82 -4.62
CA SER F 159 8.52 -32.08 -3.52
C SER F 159 7.33 -31.25 -3.98
N GLN F 160 6.49 -30.87 -3.02
CA GLN F 160 5.31 -30.05 -3.29
C GLN F 160 4.99 -29.23 -2.03
N GLU F 161 5.61 -28.07 -1.92
CA GLU F 161 5.28 -27.19 -0.80
C GLU F 161 3.88 -26.61 -1.02
N SER F 162 3.14 -26.44 0.06
CA SER F 162 1.88 -25.75 0.00
C SER F 162 1.67 -25.07 1.34
N VAL F 163 1.33 -23.78 1.31
CA VAL F 163 1.33 -22.96 2.52
C VAL F 163 0.01 -22.20 2.59
N THR F 164 -0.39 -21.86 3.82
CA THR F 164 -1.70 -21.28 4.09
C THR F 164 -1.68 -19.76 3.98
N GLU F 165 -2.86 -19.18 4.17
CA GLU F 165 -2.95 -17.74 4.33
C GLU F 165 -2.66 -17.38 5.78
N GLN F 166 -2.26 -16.12 6.00
CA GLN F 166 -2.00 -15.66 7.35
C GLN F 166 -3.20 -15.96 8.23
N ASP F 167 -2.96 -16.68 9.32
CA ASP F 167 -4.08 -17.19 10.11
C ASP F 167 -4.90 -16.03 10.68
N SER F 168 -6.17 -16.31 10.94
CA SER F 168 -7.14 -15.25 11.20
C SER F 168 -6.76 -14.41 12.41
N LYS F 169 -6.14 -14.99 13.44
CA LYS F 169 -5.84 -14.21 14.63
C LYS F 169 -4.39 -14.23 15.10
N ASP F 170 -3.59 -15.25 14.79
CA ASP F 170 -2.19 -15.23 15.21
C ASP F 170 -1.23 -14.82 14.09
N SER F 171 -1.70 -14.79 12.84
CA SER F 171 -0.92 -14.31 11.71
C SER F 171 0.35 -15.13 11.50
N THR F 172 0.23 -16.44 11.60
CA THR F 172 1.35 -17.32 11.42
C THR F 172 1.06 -18.27 10.26
N TYR F 173 2.12 -18.78 9.67
CA TYR F 173 1.98 -19.67 8.52
C TYR F 173 2.14 -21.11 8.93
N SER F 174 1.64 -21.98 8.07
CA SER F 174 1.82 -23.42 8.16
C SER F 174 2.14 -23.90 6.76
N LEU F 175 3.19 -24.70 6.64
CA LEU F 175 3.66 -25.14 5.34
C LEU F 175 3.54 -26.66 5.27
N SER F 176 3.16 -27.15 4.09
CA SER F 176 2.84 -28.56 3.86
C SER F 176 3.72 -29.07 2.73
N SER F 177 4.87 -29.64 3.10
CA SER F 177 5.73 -30.27 2.13
C SER F 177 5.23 -31.71 1.92
N THR F 178 4.96 -32.07 0.66
CA THR F 178 4.30 -33.32 0.31
C THR F 178 5.23 -34.21 -0.48
N LEU F 179 5.62 -35.34 0.11
CA LEU F 179 6.46 -36.34 -0.53
C LEU F 179 5.61 -37.46 -1.12
N THR F 180 5.76 -37.70 -2.41
CA THR F 180 5.05 -38.79 -3.09
C THR F 180 6.10 -39.67 -3.76
N LEU F 181 6.15 -40.93 -3.34
CA LEU F 181 7.07 -41.90 -3.92
C LEU F 181 6.28 -43.15 -4.36
N SER F 182 6.97 -44.05 -5.06
CA SER F 182 6.41 -45.37 -5.33
C SER F 182 6.76 -46.31 -4.19
N LYS F 183 5.84 -47.23 -3.89
CA LYS F 183 6.08 -48.21 -2.83
C LYS F 183 7.43 -48.90 -3.01
N ALA F 184 7.77 -49.27 -4.25
CA ALA F 184 9.05 -49.92 -4.51
C ALA F 184 10.23 -49.04 -4.10
N ASP F 185 10.30 -47.82 -4.66
CA ASP F 185 11.42 -46.94 -4.36
C ASP F 185 11.49 -46.61 -2.86
N TYR F 186 10.34 -46.60 -2.18
CA TYR F 186 10.37 -46.34 -0.74
C TYR F 186 10.90 -47.54 0.02
N GLU F 187 10.60 -48.74 -0.46
CA GLU F 187 11.03 -49.96 0.21
C GLU F 187 12.54 -50.15 0.15
N LYS F 188 13.23 -49.36 -0.67
CA LYS F 188 14.67 -49.48 -0.84
C LYS F 188 15.47 -48.61 0.11
N HIS F 189 14.81 -47.72 0.86
CA HIS F 189 15.54 -46.75 1.65
C HIS F 189 15.04 -46.75 3.09
N LYS F 190 15.93 -46.34 4.00
CA LYS F 190 15.74 -46.47 5.44
C LYS F 190 15.45 -45.17 6.16
N VAL F 191 16.09 -44.09 5.78
CA VAL F 191 16.02 -42.85 6.55
C VAL F 191 14.76 -42.07 6.16
N TYR F 192 14.10 -41.51 7.18
CA TYR F 192 12.92 -40.68 7.02
C TYR F 192 13.29 -39.33 7.64
N ALA F 193 13.94 -38.50 6.83
CA ALA F 193 14.49 -37.22 7.29
C ALA F 193 13.81 -36.03 6.62
N CYS F 194 13.50 -35.01 7.42
CA CYS F 194 12.91 -33.75 6.94
C CYS F 194 13.68 -32.57 7.51
N GLU F 195 14.35 -31.82 6.64
CA GLU F 195 15.16 -30.65 7.01
C GLU F 195 14.43 -29.34 6.78
N VAL F 196 14.43 -28.47 7.78
CA VAL F 196 13.88 -27.13 7.66
C VAL F 196 14.81 -26.12 8.32
N THR F 197 15.03 -24.99 7.65
CA THR F 197 15.80 -23.89 8.18
C THR F 197 14.92 -22.65 8.16
N HIS F 198 15.10 -21.79 9.15
CA HIS F 198 14.33 -20.58 9.27
C HIS F 198 15.22 -19.49 9.84
N GLN F 199 14.84 -18.24 9.55
CA GLN F 199 15.50 -17.09 10.15
C GLN F 199 15.42 -17.14 11.67
N GLY F 200 14.23 -17.36 12.20
CA GLY F 200 14.01 -17.47 13.62
C GLY F 200 14.41 -18.83 14.15
N LEU F 201 15.40 -19.46 13.52
CA LEU F 201 15.90 -20.76 13.97
C LEU F 201 17.36 -20.73 14.40
N SER F 202 18.28 -20.36 13.50
CA SER F 202 19.73 -20.29 13.73
C SER F 202 20.37 -21.67 13.60
N SER F 203 19.75 -22.71 14.14
CA SER F 203 20.30 -24.06 14.05
C SER F 203 19.31 -24.96 13.32
N PRO F 204 19.65 -25.44 12.13
CA PRO F 204 18.69 -26.22 11.33
C PRO F 204 18.22 -27.48 12.04
N VAL F 205 16.90 -27.60 12.18
CA VAL F 205 16.26 -28.76 12.81
C VAL F 205 15.89 -29.80 11.77
N THR F 206 16.06 -31.08 12.13
CA THR F 206 15.65 -32.22 11.31
C THR F 206 14.85 -33.25 12.10
N LYS F 207 13.82 -33.80 11.48
CA LYS F 207 12.99 -34.82 12.13
C LYS F 207 12.92 -36.14 11.33
#